data_2B0T
#
_entry.id   2B0T
#
_cell.length_a   129.046
_cell.length_b   52.692
_cell.length_c   124.035
_cell.angle_alpha   90.00
_cell.angle_beta   108.98
_cell.angle_gamma   90.00
#
_symmetry.space_group_name_H-M   'C 1 2 1'
#
loop_
_entity.id
_entity.type
_entity.pdbx_description
1 polymer 'NADP Isocitrate dehydrogenase'
2 non-polymer 'MAGNESIUM ION'
3 water water
#
_entity_poly.entity_id   1
_entity_poly.type   'polypeptide(L)'
_entity_poly.pdbx_seq_one_letter_code
;MAKIIWTRTDEAPLLATYSLKPVVEAFAATAGIEVETRDISLAGRILAQFPERLTEDQKVGNALAELGELAKTPEANIIK
LPNISASVPQLKAAIKELQDQGYDIPELPDNATTDEEKDILARYNAVKGSAVNPVLREGNSDRRAPIAVKNFVKKFPHRM
GEWSADSKTNVATMDANDFRHNEKSIILDAADEVQIKHIAADGTETILKDSLKLLEGEVLDGTVLSAKALDAFLLEQVAR
AKAEGILFSAHLKATMMKVSDPIIFGHVVRAYFADVFAQYGEQLLAAGLNGENGLAAILSGLESLDNGEEIKAAFEKGLE
DGPDLAMVNSARGITNLHVPSDVIVDASMPAMIRTSGHMWNKDDQEQDTLAIIPDSSYAGVYQTVIEDCRKNGAFDPTTM
GTVPNVGLMAQKAEEYGSHDKTFRIEADGVVQVVSSNGDVLIEHDVEANDIWRACQVKDAPIQDWVKLAVTRSRLSGMPA
VFWLDPERAHDRNLASLVEKYLADHDTEGLDIQILSPVEATQLSIDRIRRGEDTISVTGNVLRDYNTDLFPILELGTSAK
MLSVVPLMAGGGLFETGAGGSAPKHVQQVQEENHLRWDSLGEFLALAESFRHELNNNGNTKAGVLADALDKATEKLLNEE
KSPSRKVGEIDNRGSHFWLTKFWADELAAQTEDADLAATFAPVAEALNTGAADIDAALLAVQGGATDLGGYYSPNEEKLT
NIMRPVAQFNEIVDALKK
;
_entity_poly.pdbx_strand_id   A
#
# COMPACT_ATOMS: atom_id res chain seq x y z
N ALA A 2 -22.68 -15.18 -13.31
CA ALA A 2 -21.40 -14.72 -12.70
C ALA A 2 -21.61 -14.55 -11.20
N LYS A 3 -20.52 -14.63 -10.44
CA LYS A 3 -20.64 -14.45 -9.01
C LYS A 3 -19.53 -13.63 -8.40
N ILE A 4 -19.89 -12.85 -7.39
CA ILE A 4 -18.93 -12.01 -6.71
C ILE A 4 -18.59 -12.71 -5.41
N ILE A 5 -17.31 -12.80 -5.10
CA ILE A 5 -16.89 -13.42 -3.86
C ILE A 5 -16.58 -12.28 -2.88
N TRP A 6 -17.29 -12.30 -1.76
CA TRP A 6 -17.12 -11.32 -0.71
C TRP A 6 -16.29 -11.99 0.39
N THR A 7 -15.04 -11.54 0.58
CA THR A 7 -14.19 -12.17 1.58
C THR A 7 -14.63 -12.02 3.03
N ARG A 8 -14.76 -13.16 3.71
CA ARG A 8 -15.11 -13.15 5.12
C ARG A 8 -13.76 -13.03 5.81
N THR A 9 -13.56 -11.93 6.55
CA THR A 9 -12.27 -11.73 7.20
C THR A 9 -12.25 -11.79 8.73
N ASP A 10 -11.74 -10.73 9.35
CA ASP A 10 -11.59 -10.68 10.80
C ASP A 10 -12.10 -9.39 11.43
N GLU A 11 -12.22 -9.42 12.75
CA GLU A 11 -12.62 -8.29 13.57
C GLU A 11 -13.67 -7.32 13.02
N ALA A 12 -13.35 -6.03 12.95
CA ALA A 12 -14.29 -5.02 12.48
C ALA A 12 -14.98 -5.29 11.12
N PRO A 13 -14.19 -5.45 10.02
CA PRO A 13 -14.83 -5.72 8.72
C PRO A 13 -15.66 -7.01 8.71
N LEU A 14 -15.27 -7.97 9.55
CA LEU A 14 -16.03 -9.22 9.64
C LEU A 14 -17.41 -8.90 10.17
N LEU A 15 -17.47 -8.11 11.25
CA LEU A 15 -18.75 -7.73 11.82
C LEU A 15 -19.61 -6.99 10.77
N ALA A 16 -19.00 -5.99 10.12
CA ALA A 16 -19.71 -5.21 9.11
C ALA A 16 -20.30 -6.11 8.02
N THR A 17 -19.54 -7.14 7.64
CA THR A 17 -19.94 -8.09 6.62
C THR A 17 -21.26 -8.81 6.90
N TYR A 18 -21.51 -9.13 8.18
CA TYR A 18 -22.75 -9.81 8.57
C TYR A 18 -23.96 -8.92 8.38
N SER A 19 -23.73 -7.61 8.29
CA SER A 19 -24.79 -6.64 8.10
C SER A 19 -24.94 -6.25 6.61
N LEU A 20 -23.81 -5.95 5.97
CA LEU A 20 -23.80 -5.51 4.58
C LEU A 20 -23.93 -6.60 3.51
N LYS A 21 -23.24 -7.72 3.69
CA LYS A 21 -23.29 -8.77 2.68
C LYS A 21 -24.70 -9.23 2.30
N PRO A 22 -25.61 -9.43 3.28
CA PRO A 22 -26.97 -9.86 2.92
C PRO A 22 -27.66 -8.86 1.99
N VAL A 23 -27.41 -7.56 2.20
CA VAL A 23 -28.00 -6.53 1.34
C VAL A 23 -27.39 -6.60 -0.06
N VAL A 24 -26.08 -6.72 -0.12
CA VAL A 24 -25.35 -6.78 -1.39
C VAL A 24 -25.86 -7.95 -2.22
N GLU A 25 -26.01 -9.09 -1.56
CA GLU A 25 -26.50 -10.28 -2.24
C GLU A 25 -27.90 -10.04 -2.83
N ALA A 26 -28.79 -9.44 -2.04
CA ALA A 26 -30.16 -9.18 -2.49
C ALA A 26 -30.18 -8.26 -3.71
N PHE A 27 -29.43 -7.17 -3.65
CA PHE A 27 -29.37 -6.21 -4.77
C PHE A 27 -28.67 -6.80 -6.00
N ALA A 28 -27.55 -7.48 -5.79
CA ALA A 28 -26.80 -8.08 -6.88
C ALA A 28 -27.63 -9.09 -7.68
N ALA A 29 -28.48 -9.84 -6.98
CA ALA A 29 -29.32 -10.84 -7.61
C ALA A 29 -30.23 -10.30 -8.71
N THR A 30 -30.63 -9.03 -8.61
CA THR A 30 -31.49 -8.43 -9.63
C THR A 30 -30.77 -8.18 -10.95
N ALA A 31 -29.45 -8.38 -10.96
CA ALA A 31 -28.66 -8.21 -12.17
C ALA A 31 -28.11 -9.57 -12.56
N GLY A 32 -28.67 -10.61 -11.93
CA GLY A 32 -28.26 -11.97 -12.22
C GLY A 32 -26.87 -12.29 -11.69
N ILE A 33 -26.49 -11.63 -10.60
CA ILE A 33 -25.18 -11.85 -10.01
C ILE A 33 -25.31 -12.48 -8.62
N GLU A 34 -24.61 -13.59 -8.42
CA GLU A 34 -24.61 -14.28 -7.14
C GLU A 34 -23.49 -13.68 -6.29
N VAL A 35 -23.74 -13.57 -4.99
CA VAL A 35 -22.73 -13.04 -4.09
C VAL A 35 -22.51 -14.09 -3.01
N GLU A 36 -21.28 -14.59 -2.90
CA GLU A 36 -20.97 -15.60 -1.91
C GLU A 36 -19.76 -15.22 -1.10
N THR A 37 -19.72 -15.66 0.15
CA THR A 37 -18.58 -15.36 0.98
C THR A 37 -17.60 -16.55 0.94
N ARG A 38 -16.33 -16.26 1.23
CA ARG A 38 -15.28 -17.27 1.29
C ARG A 38 -14.48 -16.87 2.51
N ASP A 39 -14.16 -17.85 3.37
CA ASP A 39 -13.46 -17.57 4.61
C ASP A 39 -11.94 -17.51 4.59
N ILE A 40 -11.39 -16.30 4.71
CA ILE A 40 -9.94 -16.12 4.75
C ILE A 40 -9.54 -15.49 6.09
N SER A 41 -10.36 -15.72 7.11
CA SER A 41 -10.10 -15.23 8.46
C SER A 41 -8.85 -15.93 9.00
N LEU A 42 -8.24 -15.36 10.04
CA LEU A 42 -7.06 -15.95 10.64
C LEU A 42 -7.43 -17.32 11.17
N ALA A 43 -8.58 -17.41 11.85
CA ALA A 43 -9.05 -18.67 12.42
C ALA A 43 -9.21 -19.72 11.32
N GLY A 44 -9.88 -19.34 10.23
CA GLY A 44 -10.10 -20.26 9.13
C GLY A 44 -8.82 -20.72 8.46
N ARG A 45 -7.88 -19.79 8.29
CA ARG A 45 -6.62 -20.13 7.66
C ARG A 45 -5.75 -21.01 8.56
N ILE A 46 -6.00 -20.96 9.86
CA ILE A 46 -5.26 -21.81 10.80
C ILE A 46 -5.79 -23.24 10.63
N LEU A 47 -7.10 -23.37 10.66
CA LEU A 47 -7.72 -24.68 10.51
C LEU A 47 -7.35 -25.30 9.18
N ALA A 48 -7.19 -24.47 8.16
CA ALA A 48 -6.84 -24.94 6.83
C ALA A 48 -5.49 -25.68 6.79
N GLN A 49 -4.63 -25.40 7.76
CA GLN A 49 -3.29 -26.01 7.82
C GLN A 49 -3.23 -27.39 8.49
N PHE A 50 -4.21 -27.71 9.32
CA PHE A 50 -4.21 -28.99 10.04
C PHE A 50 -5.48 -29.82 9.83
N PRO A 51 -5.83 -30.15 8.57
CA PRO A 51 -7.03 -30.94 8.35
C PRO A 51 -6.98 -32.33 9.02
N GLU A 52 -5.79 -32.90 9.12
CA GLU A 52 -5.64 -34.22 9.72
C GLU A 52 -5.91 -34.24 11.21
N ARG A 53 -6.08 -33.07 11.81
CA ARG A 53 -6.33 -33.01 13.24
C ARG A 53 -7.77 -32.69 13.57
N LEU A 54 -8.58 -32.58 12.52
CA LEU A 54 -10.00 -32.24 12.64
C LEU A 54 -10.93 -33.38 12.21
N THR A 55 -12.07 -33.44 12.87
CA THR A 55 -13.10 -34.44 12.56
C THR A 55 -13.71 -34.00 11.25
N GLU A 56 -14.39 -34.91 10.56
CA GLU A 56 -15.00 -34.59 9.27
C GLU A 56 -15.86 -33.32 9.27
N ASP A 57 -16.63 -33.10 10.32
CA ASP A 57 -17.48 -31.93 10.39
C ASP A 57 -16.72 -30.64 10.67
N GLN A 58 -15.48 -30.77 11.16
CA GLN A 58 -14.67 -29.59 11.47
C GLN A 58 -13.87 -29.05 10.28
N LYS A 59 -13.43 -29.94 9.40
CA LYS A 59 -12.62 -29.54 8.24
C LYS A 59 -13.22 -28.36 7.49
N VAL A 60 -12.36 -27.40 7.13
CA VAL A 60 -12.81 -26.21 6.41
C VAL A 60 -12.24 -26.10 5.00
N GLY A 61 -11.38 -27.04 4.63
CA GLY A 61 -10.79 -26.98 3.30
C GLY A 61 -9.73 -25.90 3.28
N ASN A 62 -9.57 -25.22 2.15
CA ASN A 62 -8.57 -24.17 2.05
C ASN A 62 -9.10 -23.06 1.16
N ALA A 63 -9.90 -22.18 1.74
CA ALA A 63 -10.49 -21.09 0.98
C ALA A 63 -9.46 -20.22 0.27
N LEU A 64 -8.38 -19.82 0.96
CA LEU A 64 -7.36 -18.98 0.35
C LEU A 64 -6.74 -19.61 -0.89
N ALA A 65 -6.37 -20.88 -0.79
CA ALA A 65 -5.79 -21.60 -1.92
C ALA A 65 -6.79 -21.63 -3.06
N GLU A 66 -8.05 -21.89 -2.73
CA GLU A 66 -9.11 -21.93 -3.73
C GLU A 66 -9.30 -20.57 -4.41
N LEU A 67 -9.13 -19.48 -3.66
CA LEU A 67 -9.26 -18.13 -4.23
C LEU A 67 -8.08 -17.84 -5.13
N GLY A 68 -6.92 -18.40 -4.78
CA GLY A 68 -5.74 -18.21 -5.60
C GLY A 68 -6.00 -18.83 -6.96
N GLU A 69 -6.65 -20.00 -6.97
CA GLU A 69 -6.96 -20.69 -8.22
C GLU A 69 -8.01 -19.93 -9.01
N LEU A 70 -9.04 -19.44 -8.34
CA LEU A 70 -10.11 -18.68 -8.99
C LEU A 70 -9.54 -17.40 -9.62
N ALA A 71 -8.59 -16.78 -8.93
CA ALA A 71 -7.94 -15.56 -9.40
C ALA A 71 -7.22 -15.77 -10.72
N LYS A 72 -6.91 -17.02 -11.04
CA LYS A 72 -6.22 -17.33 -12.28
C LYS A 72 -7.19 -17.66 -13.41
N THR A 73 -8.48 -17.48 -13.16
CA THR A 73 -9.48 -17.75 -14.17
C THR A 73 -10.28 -16.49 -14.48
N PRO A 74 -10.95 -16.45 -15.64
CA PRO A 74 -11.75 -15.29 -16.07
C PRO A 74 -12.95 -15.01 -15.17
N GLU A 75 -13.43 -16.07 -14.51
CA GLU A 75 -14.60 -15.98 -13.63
C GLU A 75 -14.37 -15.17 -12.35
N ALA A 76 -13.11 -14.88 -12.04
CA ALA A 76 -12.78 -14.16 -10.81
C ALA A 76 -13.30 -12.73 -10.66
N ASN A 77 -14.09 -12.51 -9.61
CA ASN A 77 -14.61 -11.19 -9.25
C ASN A 77 -14.60 -11.25 -7.74
N ILE A 78 -13.52 -10.75 -7.15
CA ILE A 78 -13.34 -10.81 -5.70
C ILE A 78 -13.25 -9.47 -4.99
N ILE A 79 -14.09 -9.27 -3.97
CA ILE A 79 -14.06 -8.05 -3.18
C ILE A 79 -13.32 -8.42 -1.89
N LYS A 80 -12.14 -7.83 -1.74
CA LYS A 80 -11.24 -8.08 -0.62
C LYS A 80 -11.27 -7.03 0.47
N LEU A 81 -11.73 -7.42 1.66
CA LEU A 81 -11.80 -6.52 2.80
C LEU A 81 -10.57 -6.67 3.68
N PRO A 82 -10.27 -5.66 4.52
CA PRO A 82 -9.12 -5.72 5.41
C PRO A 82 -9.17 -6.98 6.28
N ASN A 83 -8.00 -7.54 6.55
CA ASN A 83 -7.91 -8.75 7.36
C ASN A 83 -6.68 -8.67 8.26
N ILE A 84 -6.51 -9.70 9.08
CA ILE A 84 -5.39 -9.77 10.00
C ILE A 84 -4.15 -10.39 9.36
N SER A 85 -3.04 -9.69 9.47
CA SER A 85 -1.75 -10.21 9.00
C SER A 85 -1.15 -10.52 10.36
N ALA A 86 -1.46 -11.72 10.84
CA ALA A 86 -1.07 -12.21 12.17
C ALA A 86 0.34 -11.99 12.69
N SER A 87 0.39 -11.55 13.94
CA SER A 87 1.63 -11.37 14.66
C SER A 87 1.65 -12.63 15.53
N VAL A 88 2.77 -12.92 16.19
CA VAL A 88 2.84 -14.11 17.03
C VAL A 88 1.76 -14.09 18.12
N PRO A 89 1.56 -12.93 18.78
CA PRO A 89 0.53 -12.85 19.82
C PRO A 89 -0.88 -13.15 19.32
N GLN A 90 -1.22 -12.62 18.14
CA GLN A 90 -2.54 -12.86 17.56
C GLN A 90 -2.68 -14.34 17.23
N LEU A 91 -1.64 -14.88 16.61
CA LEU A 91 -1.60 -16.29 16.24
C LEU A 91 -1.84 -17.15 17.48
N LYS A 92 -1.09 -16.89 18.55
CA LYS A 92 -1.24 -17.64 19.80
C LYS A 92 -2.64 -17.52 20.37
N ALA A 93 -3.18 -16.30 20.35
CA ALA A 93 -4.52 -16.05 20.88
C ALA A 93 -5.59 -16.82 20.09
N ALA A 94 -5.46 -16.85 18.76
CA ALA A 94 -6.44 -17.57 17.92
C ALA A 94 -6.32 -19.07 18.14
N ILE A 95 -5.08 -19.56 18.31
CA ILE A 95 -4.85 -20.98 18.56
C ILE A 95 -5.58 -21.43 19.81
N LYS A 96 -5.41 -20.66 20.88
CA LYS A 96 -6.05 -20.96 22.16
C LYS A 96 -7.56 -20.95 22.07
N GLU A 97 -8.11 -19.94 21.40
CA GLU A 97 -9.56 -19.84 21.24
C GLU A 97 -10.08 -21.05 20.46
N LEU A 98 -9.40 -21.38 19.38
CA LEU A 98 -9.79 -22.53 18.56
C LEU A 98 -9.73 -23.82 19.37
N GLN A 99 -8.69 -23.97 20.19
CA GLN A 99 -8.58 -25.17 21.01
C GLN A 99 -9.74 -25.22 22.00
N ASP A 100 -10.03 -24.07 22.62
CA ASP A 100 -11.13 -24.00 23.58
C ASP A 100 -12.45 -24.36 22.92
N GLN A 101 -12.55 -24.14 21.61
CA GLN A 101 -13.77 -24.45 20.91
C GLN A 101 -13.78 -25.90 20.44
N GLY A 102 -12.77 -26.66 20.80
CA GLY A 102 -12.75 -28.06 20.41
C GLY A 102 -11.86 -28.45 19.24
N TYR A 103 -11.23 -27.48 18.59
CA TYR A 103 -10.34 -27.78 17.48
C TYR A 103 -9.01 -28.21 18.07
N ASP A 104 -8.67 -29.48 17.88
CA ASP A 104 -7.45 -30.04 18.44
C ASP A 104 -6.17 -29.71 17.65
N ILE A 105 -5.87 -28.44 17.50
CA ILE A 105 -4.68 -28.01 16.77
C ILE A 105 -3.52 -27.85 17.76
N PRO A 106 -2.28 -27.98 17.27
CA PRO A 106 -1.07 -27.86 18.10
C PRO A 106 -0.67 -26.45 18.55
N GLU A 107 0.13 -26.40 19.61
CA GLU A 107 0.65 -25.15 20.14
C GLU A 107 1.63 -24.57 19.14
N LEU A 108 1.83 -23.26 19.21
CA LEU A 108 2.78 -22.59 18.34
C LEU A 108 4.15 -22.76 19.01
N PRO A 109 5.08 -23.48 18.35
CA PRO A 109 6.41 -23.71 18.91
C PRO A 109 7.24 -22.42 18.98
N ASP A 110 7.69 -22.06 20.17
CA ASP A 110 8.52 -20.87 20.33
C ASP A 110 9.88 -21.13 19.69
N ASN A 111 10.36 -22.36 19.85
CA ASN A 111 11.64 -22.77 19.29
C ASN A 111 11.51 -24.26 18.94
N ALA A 112 11.55 -24.56 17.65
CA ALA A 112 11.42 -25.93 17.17
C ALA A 112 12.60 -26.83 17.58
N THR A 113 12.37 -27.71 18.54
CA THR A 113 13.42 -28.62 19.03
C THR A 113 13.16 -30.10 18.68
N THR A 114 12.19 -30.35 17.81
CA THR A 114 11.86 -31.71 17.37
C THR A 114 11.33 -31.64 15.95
N ASP A 115 11.36 -32.77 15.23
CA ASP A 115 10.87 -32.81 13.86
C ASP A 115 9.41 -32.40 13.75
N GLU A 116 8.62 -32.77 14.75
CA GLU A 116 7.19 -32.45 14.78
C GLU A 116 7.00 -30.93 14.93
N GLU A 117 7.74 -30.31 15.85
CA GLU A 117 7.65 -28.88 16.09
C GLU A 117 8.09 -28.10 14.85
N LYS A 118 9.13 -28.57 14.18
CA LYS A 118 9.61 -27.89 12.99
C LYS A 118 8.50 -27.92 11.94
N ASP A 119 7.85 -29.07 11.82
CA ASP A 119 6.76 -29.19 10.86
C ASP A 119 5.61 -28.27 11.26
N ILE A 120 5.20 -28.36 12.51
CA ILE A 120 4.13 -27.51 13.00
C ILE A 120 4.47 -26.03 12.81
N LEU A 121 5.70 -25.65 13.14
CA LEU A 121 6.14 -24.27 13.00
C LEU A 121 6.08 -23.81 11.56
N ALA A 122 6.51 -24.68 10.65
CA ALA A 122 6.50 -24.34 9.24
C ALA A 122 5.09 -24.02 8.78
N ARG A 123 4.13 -24.84 9.18
CA ARG A 123 2.73 -24.63 8.80
C ARG A 123 2.15 -23.35 9.38
N TYR A 124 2.51 -23.05 10.62
CA TYR A 124 2.02 -21.82 11.26
C TYR A 124 2.66 -20.60 10.61
N ASN A 125 3.91 -20.74 10.17
CA ASN A 125 4.59 -19.62 9.52
C ASN A 125 3.92 -19.31 8.19
N ALA A 126 3.27 -20.31 7.61
CA ALA A 126 2.58 -20.15 6.33
C ALA A 126 1.30 -19.33 6.51
N VAL A 127 0.89 -19.14 7.77
CA VAL A 127 -0.32 -18.40 8.09
C VAL A 127 0.00 -17.03 8.69
N LYS A 128 1.17 -16.93 9.30
CA LYS A 128 1.59 -15.68 9.93
C LYS A 128 1.85 -14.56 8.91
N GLY A 129 1.81 -13.32 9.39
CA GLY A 129 2.08 -12.18 8.54
C GLY A 129 1.14 -11.95 7.37
N SER A 130 1.67 -11.35 6.31
CA SER A 130 0.89 -11.04 5.13
C SER A 130 0.78 -12.25 4.21
N ALA A 131 -0.07 -13.20 4.59
CA ALA A 131 -0.25 -14.43 3.83
C ALA A 131 -1.28 -14.32 2.72
N VAL A 132 -2.23 -13.40 2.86
CA VAL A 132 -3.27 -13.27 1.85
C VAL A 132 -2.91 -12.53 0.57
N ASN A 133 -2.37 -11.32 0.68
CA ASN A 133 -2.05 -10.54 -0.53
C ASN A 133 -1.21 -11.25 -1.57
N PRO A 134 -0.15 -11.96 -1.16
CA PRO A 134 0.70 -12.67 -2.12
C PRO A 134 -0.11 -13.61 -3.00
N VAL A 135 -1.15 -14.21 -2.42
CA VAL A 135 -1.98 -15.16 -3.14
C VAL A 135 -3.01 -14.52 -4.05
N LEU A 136 -3.60 -13.42 -3.62
CA LEU A 136 -4.65 -12.78 -4.41
C LEU A 136 -4.25 -11.74 -5.43
N ARG A 137 -3.11 -11.07 -5.22
CA ARG A 137 -2.65 -10.04 -6.16
C ARG A 137 -1.94 -10.53 -7.43
N GLU A 138 -2.70 -11.24 -8.26
CA GLU A 138 -2.21 -11.79 -9.53
C GLU A 138 -2.33 -10.74 -10.62
N GLY A 139 -1.67 -9.61 -10.45
CA GLY A 139 -1.74 -8.58 -11.47
C GLY A 139 -1.14 -7.24 -11.09
N ASN A 140 -1.38 -6.25 -11.94
CA ASN A 140 -0.89 -4.90 -11.73
C ASN A 140 -1.90 -4.05 -10.99
N SER A 141 -1.53 -2.80 -10.69
CA SER A 141 -2.37 -1.93 -9.91
C SER A 141 -3.10 -0.79 -10.62
N ASP A 142 -4.37 -0.61 -10.27
CA ASP A 142 -5.22 0.46 -10.81
C ASP A 142 -5.82 1.17 -9.60
N ARG A 143 -5.22 2.29 -9.21
CA ARG A 143 -5.71 3.04 -8.05
C ARG A 143 -6.13 4.45 -8.44
N ARG A 144 -7.29 4.87 -7.95
CA ARG A 144 -7.83 6.19 -8.27
C ARG A 144 -8.50 6.80 -7.05
N ALA A 145 -8.57 8.12 -7.02
CA ALA A 145 -9.23 8.80 -5.93
C ALA A 145 -10.70 8.62 -6.26
N PRO A 146 -11.51 8.16 -5.30
CA PRO A 146 -12.95 7.93 -5.51
C PRO A 146 -13.64 9.25 -5.85
N ILE A 147 -14.41 9.29 -6.94
CA ILE A 147 -15.09 10.54 -7.30
C ILE A 147 -16.11 10.95 -6.25
N ALA A 148 -16.72 9.99 -5.57
CA ALA A 148 -17.69 10.32 -4.53
C ALA A 148 -16.92 11.04 -3.42
N VAL A 149 -15.69 10.60 -3.19
CA VAL A 149 -14.83 11.21 -2.18
C VAL A 149 -14.32 12.56 -2.69
N LYS A 150 -13.93 12.57 -3.96
CA LYS A 150 -13.44 13.78 -4.63
C LYS A 150 -14.49 14.89 -4.56
N ASN A 151 -15.73 14.54 -4.91
CA ASN A 151 -16.84 15.50 -4.89
C ASN A 151 -17.12 16.01 -3.48
N PHE A 152 -16.93 15.17 -2.47
CA PHE A 152 -17.16 15.60 -1.10
C PHE A 152 -16.11 16.63 -0.69
N VAL A 153 -14.86 16.34 -0.99
CA VAL A 153 -13.74 17.22 -0.66
C VAL A 153 -13.91 18.60 -1.32
N LYS A 154 -14.55 18.63 -2.49
CA LYS A 154 -14.79 19.90 -3.17
C LYS A 154 -15.68 20.75 -2.29
N LYS A 155 -16.62 20.09 -1.61
CA LYS A 155 -17.55 20.74 -0.71
C LYS A 155 -16.87 21.03 0.64
N PHE A 156 -16.17 20.03 1.16
CA PHE A 156 -15.46 20.20 2.44
C PHE A 156 -13.98 19.91 2.30
N PRO A 157 -13.24 20.86 1.70
CA PRO A 157 -11.80 20.73 1.48
C PRO A 157 -10.96 20.70 2.75
N HIS A 158 -9.94 19.85 2.75
CA HIS A 158 -9.04 19.73 3.89
C HIS A 158 -8.12 20.94 3.83
N ARG A 159 -7.33 21.14 4.88
CA ARG A 159 -6.44 22.28 4.90
C ARG A 159 -5.10 22.01 4.23
N MET A 160 -4.67 22.99 3.43
CA MET A 160 -3.41 22.95 2.70
C MET A 160 -2.60 24.12 3.21
N GLY A 161 -1.36 23.84 3.60
CA GLY A 161 -0.50 24.91 4.11
C GLY A 161 -0.13 25.92 3.04
N GLU A 162 -0.22 27.20 3.40
CA GLU A 162 0.11 28.28 2.50
C GLU A 162 1.61 28.23 2.18
N TRP A 163 1.97 28.48 0.93
CA TRP A 163 3.37 28.45 0.53
C TRP A 163 3.93 29.85 0.26
N SER A 164 5.18 30.03 0.68
CA SER A 164 5.90 31.28 0.50
C SER A 164 6.93 31.12 -0.63
N ALA A 165 7.09 32.17 -1.44
CA ALA A 165 8.04 32.13 -2.54
C ALA A 165 9.48 32.18 -2.02
N ASP A 166 9.62 32.44 -0.72
CA ASP A 166 10.93 32.51 -0.06
C ASP A 166 11.33 31.17 0.51
N SER A 167 10.41 30.21 0.49
CA SER A 167 10.69 28.88 1.03
C SER A 167 12.08 28.45 0.67
N LYS A 168 12.78 27.88 1.65
CA LYS A 168 14.13 27.37 1.44
C LYS A 168 14.12 25.85 1.39
N THR A 169 12.94 25.25 1.48
CA THR A 169 12.82 23.79 1.44
C THR A 169 13.18 23.25 0.06
N ASN A 170 14.02 22.23 0.03
CA ASN A 170 14.46 21.60 -1.21
C ASN A 170 14.89 20.17 -0.98
N VAL A 171 14.73 19.34 -2.00
CA VAL A 171 15.16 17.95 -1.94
C VAL A 171 16.63 17.96 -2.33
N ALA A 172 17.42 17.13 -1.66
CA ALA A 172 18.83 17.02 -1.97
C ALA A 172 19.02 15.56 -2.35
N THR A 173 19.58 15.32 -3.52
CA THR A 173 19.80 13.96 -3.98
C THR A 173 21.14 13.89 -4.71
N MET A 174 21.64 12.68 -4.97
CA MET A 174 22.92 12.51 -5.63
C MET A 174 22.95 12.85 -7.13
N ASP A 175 24.08 13.43 -7.56
CA ASP A 175 24.30 13.82 -8.96
C ASP A 175 24.79 12.67 -9.82
N ALA A 176 25.42 11.68 -9.19
CA ALA A 176 25.93 10.54 -9.92
C ALA A 176 26.38 9.45 -8.96
N ASN A 177 26.80 8.33 -9.53
CA ASN A 177 27.28 7.19 -8.75
C ASN A 177 26.21 6.55 -7.87
N ASP A 178 24.95 6.78 -8.20
CA ASP A 178 23.85 6.19 -7.43
C ASP A 178 23.20 5.09 -8.25
N PHE A 179 22.12 4.51 -7.71
CA PHE A 179 21.39 3.43 -8.37
C PHE A 179 20.97 3.83 -9.79
N ARG A 180 20.45 5.05 -9.90
CA ARG A 180 20.00 5.59 -11.18
C ARG A 180 21.09 5.66 -12.24
N HIS A 181 22.18 6.34 -11.91
CA HIS A 181 23.28 6.51 -12.84
C HIS A 181 24.14 5.27 -13.10
N ASN A 182 24.29 4.40 -12.11
CA ASN A 182 25.09 3.18 -12.29
C ASN A 182 24.32 1.98 -12.82
N GLU A 183 23.03 2.17 -13.10
CA GLU A 183 22.17 1.09 -13.57
C GLU A 183 22.41 0.64 -14.99
N LYS A 184 22.42 -0.69 -15.16
CA LYS A 184 22.57 -1.32 -16.47
C LYS A 184 21.39 -2.28 -16.60
N SER A 185 20.74 -2.29 -17.76
CA SER A 185 19.58 -3.15 -17.94
C SER A 185 19.56 -3.93 -19.26
N ILE A 186 19.09 -5.17 -19.20
CA ILE A 186 19.01 -6.01 -20.39
C ILE A 186 17.68 -6.75 -20.48
N ILE A 187 17.34 -7.19 -21.69
CA ILE A 187 16.13 -7.96 -21.93
C ILE A 187 16.56 -9.35 -22.44
N LEU A 188 16.25 -10.38 -21.67
CA LEU A 188 16.59 -11.74 -22.05
C LEU A 188 15.83 -12.10 -23.32
N ASP A 189 16.48 -12.78 -24.24
CA ASP A 189 15.81 -13.20 -25.47
C ASP A 189 15.53 -14.68 -25.42
N ALA A 190 15.77 -15.28 -24.26
CA ALA A 190 15.55 -16.70 -24.06
C ALA A 190 15.69 -17.02 -22.58
N ALA A 191 14.99 -18.06 -22.12
CA ALA A 191 15.05 -18.46 -20.73
C ALA A 191 16.51 -18.71 -20.39
N ASP A 192 16.87 -18.49 -19.12
CA ASP A 192 18.24 -18.67 -18.67
C ASP A 192 18.29 -18.73 -17.16
N GLU A 193 19.28 -19.43 -16.63
CA GLU A 193 19.46 -19.54 -15.19
C GLU A 193 20.82 -18.89 -14.92
N VAL A 194 20.80 -17.61 -14.59
CA VAL A 194 22.04 -16.89 -14.34
C VAL A 194 22.59 -17.04 -12.93
N GLN A 195 23.72 -16.38 -12.69
CA GLN A 195 24.41 -16.39 -11.40
C GLN A 195 25.15 -15.08 -11.19
N ILE A 196 25.19 -14.63 -9.94
CA ILE A 196 25.88 -13.38 -9.60
C ILE A 196 27.18 -13.68 -8.84
N LYS A 197 28.30 -13.29 -9.45
CA LYS A 197 29.63 -13.51 -8.88
C LYS A 197 30.30 -12.21 -8.47
N HIS A 198 31.27 -12.33 -7.56
CA HIS A 198 32.05 -11.18 -7.15
C HIS A 198 33.51 -11.54 -7.32
N ILE A 199 34.20 -10.83 -8.21
CA ILE A 199 35.61 -11.08 -8.46
C ILE A 199 36.41 -9.94 -7.86
N ALA A 200 37.23 -10.26 -6.87
CA ALA A 200 38.06 -9.27 -6.19
C ALA A 200 39.28 -8.89 -7.03
N ALA A 201 40.27 -8.30 -6.39
CA ALA A 201 41.49 -7.94 -7.10
C ALA A 201 42.37 -9.19 -7.07
N ASP A 202 42.08 -10.08 -6.11
CA ASP A 202 42.82 -11.34 -5.98
C ASP A 202 42.25 -12.29 -7.01
N GLY A 203 41.35 -11.77 -7.83
CA GLY A 203 40.70 -12.60 -8.83
C GLY A 203 39.75 -13.52 -8.10
N THR A 204 39.93 -13.62 -6.78
CA THR A 204 39.09 -14.46 -5.94
C THR A 204 37.62 -14.18 -6.23
N GLU A 205 36.98 -15.13 -6.90
CA GLU A 205 35.58 -14.95 -7.23
C GLU A 205 34.69 -15.52 -6.14
N THR A 206 33.70 -14.73 -5.74
CA THR A 206 32.77 -15.10 -4.70
C THR A 206 31.34 -15.13 -5.24
N ILE A 207 30.61 -16.18 -4.90
CA ILE A 207 29.22 -16.32 -5.35
C ILE A 207 28.26 -15.63 -4.41
N LEU A 208 27.59 -14.60 -4.91
CA LEU A 208 26.62 -13.85 -4.12
C LEU A 208 25.25 -14.50 -4.27
N LYS A 209 24.89 -14.81 -5.51
CA LYS A 209 23.61 -15.44 -5.80
C LYS A 209 23.93 -16.63 -6.71
N ASP A 210 23.57 -17.82 -6.26
CA ASP A 210 23.85 -19.02 -7.02
C ASP A 210 22.97 -19.24 -8.25
N SER A 211 21.67 -19.41 -8.02
CA SER A 211 20.73 -19.66 -9.11
C SER A 211 19.60 -18.63 -9.21
N LEU A 212 19.46 -18.03 -10.39
CA LEU A 212 18.40 -17.05 -10.63
C LEU A 212 17.73 -17.42 -11.94
N LYS A 213 16.54 -18.02 -11.86
CA LYS A 213 15.80 -18.42 -13.05
C LYS A 213 15.18 -17.21 -13.75
N LEU A 214 15.46 -17.05 -15.05
CA LEU A 214 14.91 -15.92 -15.81
C LEU A 214 14.11 -16.42 -17.02
N LEU A 215 13.01 -15.73 -17.30
CA LEU A 215 12.16 -16.10 -18.42
C LEU A 215 12.54 -15.28 -19.64
N GLU A 216 12.10 -15.75 -20.80
CA GLU A 216 12.39 -15.03 -22.04
C GLU A 216 11.60 -13.72 -21.98
N GLY A 217 12.24 -12.64 -22.41
CA GLY A 217 11.57 -11.34 -22.38
C GLY A 217 11.65 -10.65 -21.03
N GLU A 218 12.19 -11.34 -20.04
CA GLU A 218 12.31 -10.76 -18.70
C GLU A 218 13.36 -9.64 -18.68
N VAL A 219 13.04 -8.53 -18.03
CA VAL A 219 13.97 -7.42 -17.93
C VAL A 219 14.77 -7.58 -16.63
N LEU A 220 16.09 -7.53 -16.75
CA LEU A 220 16.98 -7.66 -15.59
C LEU A 220 17.88 -6.43 -15.47
N ASP A 221 17.94 -5.84 -14.28
CA ASP A 221 18.77 -4.67 -14.06
C ASP A 221 19.88 -4.96 -13.06
N GLY A 222 20.99 -4.25 -13.21
CA GLY A 222 22.11 -4.39 -12.31
C GLY A 222 22.57 -2.99 -11.97
N THR A 223 22.76 -2.70 -10.69
CA THR A 223 23.21 -1.37 -10.32
C THR A 223 23.97 -1.37 -9.00
N VAL A 224 24.56 -0.22 -8.69
CA VAL A 224 25.33 -0.09 -7.47
C VAL A 224 25.30 1.34 -6.95
N LEU A 225 25.32 1.47 -5.62
CA LEU A 225 25.34 2.77 -4.97
C LEU A 225 26.77 2.93 -4.41
N SER A 226 27.45 4.01 -4.79
CA SER A 226 28.81 4.29 -4.33
C SER A 226 28.87 4.82 -2.90
N ALA A 227 29.38 4.00 -1.99
CA ALA A 227 29.52 4.39 -0.59
C ALA A 227 30.33 5.68 -0.49
N LYS A 228 31.38 5.80 -1.30
CA LYS A 228 32.23 6.99 -1.30
C LYS A 228 31.47 8.23 -1.76
N ALA A 229 30.77 8.12 -2.88
CA ALA A 229 30.00 9.26 -3.39
C ALA A 229 28.83 9.55 -2.46
N LEU A 230 28.33 8.51 -1.79
CA LEU A 230 27.21 8.68 -0.88
C LEU A 230 27.62 9.50 0.33
N ASP A 231 28.70 9.08 0.99
CA ASP A 231 29.19 9.80 2.16
C ASP A 231 29.58 11.24 1.83
N ALA A 232 30.23 11.45 0.70
CA ALA A 232 30.64 12.78 0.28
C ALA A 232 29.38 13.64 0.18
N PHE A 233 28.36 13.08 -0.46
CA PHE A 233 27.07 13.75 -0.65
C PHE A 233 26.41 14.08 0.70
N LEU A 234 26.33 13.08 1.56
CA LEU A 234 25.72 13.24 2.86
C LEU A 234 26.38 14.31 3.72
N LEU A 235 27.71 14.32 3.76
CA LEU A 235 28.42 15.32 4.57
C LEU A 235 28.12 16.73 4.06
N GLU A 236 28.03 16.85 2.74
CA GLU A 236 27.74 18.12 2.07
C GLU A 236 26.36 18.65 2.48
N GLN A 237 25.38 17.74 2.54
CA GLN A 237 24.02 18.12 2.90
C GLN A 237 23.89 18.50 4.36
N VAL A 238 24.69 17.87 5.22
CA VAL A 238 24.68 18.16 6.64
C VAL A 238 25.14 19.61 6.81
N ALA A 239 26.18 19.97 6.07
CA ALA A 239 26.75 21.32 6.13
C ALA A 239 25.80 22.36 5.53
N ARG A 240 25.10 21.98 4.48
CA ARG A 240 24.16 22.91 3.83
C ARG A 240 22.98 23.20 4.74
N ALA A 241 22.45 22.17 5.38
CA ALA A 241 21.32 22.35 6.28
C ALA A 241 21.75 23.28 7.41
N LYS A 242 22.96 23.07 7.92
CA LYS A 242 23.50 23.92 8.99
C LYS A 242 23.73 25.35 8.51
N ALA A 243 24.33 25.47 7.32
CA ALA A 243 24.60 26.79 6.75
C ALA A 243 23.32 27.58 6.50
N GLU A 244 22.30 26.95 5.93
CA GLU A 244 21.05 27.65 5.63
C GLU A 244 20.05 27.77 6.77
N GLY A 245 20.31 27.08 7.87
CA GLY A 245 19.41 27.17 9.01
C GLY A 245 18.05 26.53 8.77
N ILE A 246 18.07 25.36 8.15
CA ILE A 246 16.83 24.63 7.89
C ILE A 246 17.00 23.23 8.48
N LEU A 247 15.89 22.54 8.69
CA LEU A 247 15.95 21.20 9.28
C LEU A 247 16.57 20.15 8.35
N PHE A 248 17.40 19.30 8.94
CA PHE A 248 18.01 18.21 8.19
C PHE A 248 17.05 17.02 8.31
N SER A 249 16.68 16.42 7.18
CA SER A 249 15.78 15.27 7.19
C SER A 249 16.23 14.27 6.13
N ALA A 250 15.93 12.99 6.36
CA ALA A 250 16.31 11.92 5.42
C ALA A 250 15.08 11.07 5.20
N HIS A 251 14.71 10.87 3.94
CA HIS A 251 13.51 10.13 3.59
C HIS A 251 13.80 8.86 2.80
N LEU A 252 13.72 7.73 3.50
CA LEU A 252 13.96 6.42 2.92
C LEU A 252 12.73 5.54 3.15
N LYS A 253 12.88 4.25 2.85
CA LYS A 253 11.78 3.29 3.03
C LYS A 253 12.39 2.05 3.67
N ALA A 254 12.88 2.23 4.89
CA ALA A 254 13.51 1.17 5.65
C ALA A 254 12.70 -0.12 5.79
N THR A 255 11.38 0.00 5.83
CA THR A 255 10.54 -1.18 5.96
C THR A 255 10.50 -2.04 4.70
N MET A 256 10.03 -1.48 3.58
CA MET A 256 9.96 -2.26 2.34
C MET A 256 11.32 -2.66 1.79
N MET A 257 12.22 -1.70 1.62
CA MET A 257 13.57 -1.98 1.11
C MET A 257 14.40 -2.42 2.32
N LYS A 258 13.99 -3.52 2.92
CA LYS A 258 14.64 -4.05 4.12
C LYS A 258 16.12 -4.32 4.07
N VAL A 259 16.73 -4.35 2.88
CA VAL A 259 18.17 -4.59 2.81
C VAL A 259 18.98 -3.33 2.53
N SER A 260 18.69 -2.66 1.42
CA SER A 260 19.43 -1.46 1.05
C SER A 260 19.26 -0.26 1.96
N ASP A 261 18.02 0.10 2.24
CA ASP A 261 17.72 1.29 3.03
C ASP A 261 18.20 1.37 4.48
N PRO A 262 18.24 0.24 5.19
CA PRO A 262 18.73 0.38 6.57
C PRO A 262 20.24 0.72 6.49
N ILE A 263 20.90 0.16 5.48
CA ILE A 263 22.31 0.41 5.26
C ILE A 263 22.54 1.87 4.90
N ILE A 264 21.72 2.40 4.00
CA ILE A 264 21.86 3.80 3.61
C ILE A 264 21.57 4.67 4.83
N PHE A 265 20.59 4.26 5.63
CA PHE A 265 20.24 5.03 6.82
C PHE A 265 21.46 5.11 7.73
N GLY A 266 22.23 4.04 7.77
CA GLY A 266 23.44 4.03 8.58
C GLY A 266 24.39 5.14 8.15
N HIS A 267 24.63 5.24 6.84
CA HIS A 267 25.52 6.26 6.30
C HIS A 267 25.05 7.66 6.69
N VAL A 268 23.73 7.85 6.73
CA VAL A 268 23.17 9.14 7.09
C VAL A 268 23.55 9.47 8.54
N VAL A 269 23.32 8.51 9.43
CA VAL A 269 23.63 8.68 10.86
C VAL A 269 25.10 9.01 11.11
N ARG A 270 25.99 8.23 10.51
CA ARG A 270 27.43 8.46 10.67
C ARG A 270 27.85 9.79 10.04
N ALA A 271 27.18 10.19 8.96
CA ALA A 271 27.48 11.46 8.30
C ALA A 271 27.13 12.59 9.26
N TYR A 272 25.96 12.50 9.88
CA TYR A 272 25.51 13.53 10.81
C TYR A 272 26.44 13.63 12.01
N PHE A 273 26.77 12.48 12.59
CA PHE A 273 27.67 12.44 13.74
C PHE A 273 29.07 12.07 13.28
N ALA A 274 29.54 12.74 12.24
CA ALA A 274 30.87 12.49 11.69
C ALA A 274 31.97 12.56 12.75
N ASP A 275 31.96 13.60 13.58
CA ASP A 275 32.99 13.74 14.61
C ASP A 275 32.99 12.59 15.62
N VAL A 276 31.80 12.12 16.01
CA VAL A 276 31.71 11.02 16.96
C VAL A 276 32.36 9.75 16.39
N PHE A 277 32.05 9.45 15.13
CA PHE A 277 32.61 8.26 14.49
C PHE A 277 34.07 8.46 14.09
N ALA A 278 34.49 9.72 14.06
CA ALA A 278 35.87 10.03 13.71
C ALA A 278 36.72 9.76 14.95
N GLN A 279 36.08 9.76 16.11
CA GLN A 279 36.78 9.53 17.36
C GLN A 279 36.55 8.13 17.91
N TYR A 280 35.37 7.57 17.71
CA TYR A 280 35.08 6.24 18.22
C TYR A 280 34.61 5.26 17.15
N GLY A 281 34.85 5.60 15.88
CA GLY A 281 34.42 4.73 14.80
C GLY A 281 34.76 3.28 15.04
N GLU A 282 36.06 2.99 15.07
CA GLU A 282 36.59 1.64 15.28
C GLU A 282 35.79 0.85 16.33
N GLN A 283 35.69 1.43 17.52
CA GLN A 283 34.98 0.82 18.63
C GLN A 283 33.51 0.59 18.33
N LEU A 284 32.81 1.66 17.97
CA LEU A 284 31.37 1.62 17.68
C LEU A 284 30.97 0.59 16.61
N LEU A 285 31.62 0.65 15.45
CA LEU A 285 31.32 -0.28 14.37
C LEU A 285 31.55 -1.73 14.80
N ALA A 286 32.63 -1.96 15.54
CA ALA A 286 32.95 -3.30 16.01
C ALA A 286 31.86 -3.83 16.92
N ALA A 287 31.26 -2.93 17.69
CA ALA A 287 30.19 -3.29 18.63
C ALA A 287 28.85 -3.41 17.92
N GLY A 288 28.87 -3.23 16.60
CA GLY A 288 27.66 -3.30 15.81
C GLY A 288 26.78 -2.06 15.91
N LEU A 289 27.31 -1.00 16.51
CA LEU A 289 26.57 0.24 16.70
C LEU A 289 26.92 1.22 15.57
N ASN A 290 26.56 0.85 14.35
CA ASN A 290 26.85 1.65 13.16
C ASN A 290 25.75 2.59 12.67
N GLY A 291 24.60 2.61 13.34
CA GLY A 291 23.53 3.49 12.93
C GLY A 291 22.51 2.88 11.96
N GLU A 292 22.78 1.67 11.50
CA GLU A 292 21.86 1.00 10.58
C GLU A 292 20.56 0.64 11.30
N ASN A 293 20.58 0.72 12.62
CA ASN A 293 19.38 0.44 13.41
C ASN A 293 18.94 1.74 14.07
N GLY A 294 19.48 2.85 13.59
CA GLY A 294 19.12 4.15 14.14
C GLY A 294 19.99 4.62 15.30
N LEU A 295 19.87 5.91 15.61
CA LEU A 295 20.61 6.50 16.71
C LEU A 295 20.19 5.87 18.03
N ALA A 296 18.91 5.51 18.12
CA ALA A 296 18.36 4.88 19.32
C ALA A 296 19.09 3.59 19.63
N ALA A 297 19.27 2.74 18.62
CA ALA A 297 19.97 1.48 18.78
C ALA A 297 21.38 1.74 19.31
N ILE A 298 22.01 2.79 18.80
CA ILE A 298 23.36 3.18 19.20
C ILE A 298 23.38 3.58 20.67
N LEU A 299 22.61 4.61 21.01
CA LEU A 299 22.54 5.12 22.37
C LEU A 299 22.29 4.03 23.41
N SER A 300 21.33 3.16 23.14
CA SER A 300 21.02 2.08 24.07
C SER A 300 22.18 1.11 24.21
N GLY A 301 22.95 0.96 23.13
CA GLY A 301 24.09 0.06 23.14
C GLY A 301 25.33 0.61 23.81
N LEU A 302 25.31 1.90 24.10
CA LEU A 302 26.45 2.55 24.74
C LEU A 302 26.53 2.18 26.22
N GLU A 303 25.37 1.86 26.80
CA GLU A 303 25.30 1.46 28.21
C GLU A 303 25.86 0.05 28.36
N SER A 304 26.65 -0.34 27.37
CA SER A 304 27.27 -1.66 27.33
C SER A 304 28.78 -1.48 27.15
N LEU A 305 29.20 -0.23 26.99
CA LEU A 305 30.61 0.09 26.80
C LEU A 305 31.23 0.77 28.01
N ASP A 306 32.50 0.46 28.29
CA ASP A 306 33.21 1.05 29.41
C ASP A 306 33.15 2.57 29.38
N ASN A 307 33.28 3.14 28.17
CA ASN A 307 33.24 4.59 28.01
C ASN A 307 31.91 5.04 27.40
N GLY A 308 30.84 4.31 27.72
CA GLY A 308 29.53 4.64 27.21
C GLY A 308 29.09 6.05 27.52
N GLU A 309 29.32 6.50 28.75
CA GLU A 309 28.92 7.84 29.16
C GLU A 309 29.72 8.92 28.44
N GLU A 310 30.93 8.59 28.03
CA GLU A 310 31.80 9.52 27.31
C GLU A 310 31.27 9.68 25.90
N ILE A 311 31.13 8.56 25.21
CA ILE A 311 30.63 8.55 23.84
C ILE A 311 29.24 9.17 23.79
N LYS A 312 28.42 8.87 24.80
CA LYS A 312 27.06 9.38 24.85
C LYS A 312 27.05 10.90 24.90
N ALA A 313 28.07 11.48 25.50
CA ALA A 313 28.17 12.93 25.60
C ALA A 313 28.59 13.52 24.26
N ALA A 314 29.39 12.76 23.51
CA ALA A 314 29.87 13.19 22.21
C ALA A 314 28.70 13.31 21.22
N PHE A 315 27.75 12.39 21.35
CA PHE A 315 26.57 12.41 20.50
C PHE A 315 25.73 13.63 20.86
N GLU A 316 25.50 13.84 22.16
CA GLU A 316 24.71 14.97 22.62
C GLU A 316 25.32 16.28 22.12
N LYS A 317 26.65 16.31 22.03
CA LYS A 317 27.34 17.49 21.53
C LYS A 317 27.12 17.58 20.03
N GLY A 318 27.06 16.42 19.38
CA GLY A 318 26.83 16.39 17.94
C GLY A 318 25.48 16.98 17.57
N LEU A 319 24.48 16.73 18.41
CA LEU A 319 23.13 17.22 18.20
C LEU A 319 23.00 18.73 18.39
N GLU A 320 23.84 19.29 19.25
CA GLU A 320 23.81 20.73 19.52
C GLU A 320 24.63 21.50 18.51
N ASP A 321 25.66 20.84 17.99
CA ASP A 321 26.56 21.45 17.02
C ASP A 321 26.09 21.31 15.57
N GLY A 322 25.53 20.14 15.23
CA GLY A 322 25.07 19.90 13.87
C GLY A 322 23.79 20.65 13.52
N PRO A 323 23.29 20.53 12.28
CA PRO A 323 22.05 21.24 11.91
C PRO A 323 20.86 20.64 12.66
N ASP A 324 19.83 21.45 12.90
CA ASP A 324 18.65 20.96 13.59
C ASP A 324 17.99 19.85 12.77
N LEU A 325 17.53 18.82 13.46
CA LEU A 325 16.91 17.66 12.82
C LEU A 325 15.39 17.69 12.84
N ALA A 326 14.79 17.19 11.77
CA ALA A 326 13.33 17.11 11.69
C ALA A 326 12.98 16.16 12.84
N MET A 327 11.93 16.48 13.57
CA MET A 327 11.54 15.66 14.72
C MET A 327 10.42 14.69 14.45
N VAL A 328 10.52 13.52 15.06
CA VAL A 328 9.50 12.48 14.94
C VAL A 328 8.60 12.60 16.18
N ASN A 329 9.23 12.85 17.32
CA ASN A 329 8.50 13.01 18.58
C ASN A 329 9.33 13.92 19.49
N SER A 330 9.00 15.21 19.49
CA SER A 330 9.75 16.16 20.32
C SER A 330 9.58 15.90 21.81
N ALA A 331 8.38 15.48 22.22
CA ALA A 331 8.11 15.20 23.63
C ALA A 331 9.02 14.12 24.20
N ARG A 332 9.57 13.28 23.33
CA ARG A 332 10.48 12.22 23.76
C ARG A 332 11.86 12.43 23.19
N GLY A 333 12.06 13.56 22.50
CA GLY A 333 13.34 13.85 21.91
C GLY A 333 13.72 12.90 20.80
N ILE A 334 12.71 12.38 20.09
CA ILE A 334 12.96 11.44 18.99
C ILE A 334 13.09 12.17 17.66
N THR A 335 14.30 12.09 17.10
CA THR A 335 14.60 12.74 15.82
C THR A 335 14.42 11.80 14.63
N ASN A 336 14.58 12.37 13.44
CA ASN A 336 14.48 11.67 12.16
C ASN A 336 15.48 10.49 12.17
N LEU A 337 16.57 10.66 12.91
CA LEU A 337 17.65 9.67 12.97
C LEU A 337 17.55 8.55 14.03
N HIS A 338 16.57 8.61 14.91
CA HIS A 338 16.46 7.58 15.95
C HIS A 338 16.08 6.18 15.50
N VAL A 339 15.04 6.07 14.68
CA VAL A 339 14.59 4.77 14.16
C VAL A 339 14.50 4.86 12.64
N PRO A 340 15.16 3.94 11.92
CA PRO A 340 15.14 3.95 10.45
C PRO A 340 13.75 4.06 9.82
N SER A 341 12.80 3.30 10.35
CA SER A 341 11.45 3.27 9.80
C SER A 341 10.50 4.37 10.24
N ASP A 342 10.93 5.27 11.13
CA ASP A 342 10.02 6.32 11.58
C ASP A 342 9.60 7.25 10.44
N VAL A 343 10.55 7.66 9.61
CA VAL A 343 10.22 8.55 8.50
C VAL A 343 10.26 7.75 7.20
N ILE A 344 9.08 7.56 6.59
CA ILE A 344 8.96 6.81 5.35
C ILE A 344 8.62 7.76 4.21
N VAL A 345 9.57 7.89 3.27
CA VAL A 345 9.47 8.81 2.13
C VAL A 345 8.11 9.08 1.46
N ASP A 346 7.40 8.04 1.00
CA ASP A 346 6.12 8.27 0.32
C ASP A 346 5.03 8.83 1.22
N ALA A 347 5.23 8.72 2.53
CA ALA A 347 4.27 9.25 3.49
C ALA A 347 4.74 10.62 4.00
N SER A 348 6.04 10.73 4.31
CA SER A 348 6.63 11.95 4.84
C SER A 348 6.71 13.12 3.87
N MET A 349 7.06 12.85 2.61
CA MET A 349 7.18 13.93 1.63
C MET A 349 5.83 14.62 1.32
N PRO A 350 4.74 13.85 1.13
CA PRO A 350 3.46 14.51 0.85
C PRO A 350 2.99 15.37 2.04
N ALA A 351 3.22 14.88 3.25
CA ALA A 351 2.82 15.60 4.44
C ALA A 351 3.57 16.94 4.55
N MET A 352 4.86 16.88 4.27
CA MET A 352 5.73 18.06 4.31
C MET A 352 5.28 19.08 3.26
N ILE A 353 4.99 18.61 2.04
CA ILE A 353 4.55 19.48 0.96
C ILE A 353 3.22 20.12 1.29
N ARG A 354 2.31 19.32 1.84
CA ARG A 354 1.01 19.82 2.23
C ARG A 354 1.17 20.86 3.34
N THR A 355 2.11 20.64 4.24
CA THR A 355 2.34 21.55 5.34
C THR A 355 3.30 22.69 4.99
N SER A 356 3.02 23.37 3.90
CA SER A 356 3.84 24.50 3.44
C SER A 356 5.31 24.18 3.23
N GLY A 357 5.63 22.91 3.04
CA GLY A 357 7.01 22.51 2.83
C GLY A 357 7.78 22.45 4.13
N HIS A 358 7.05 22.32 5.23
CA HIS A 358 7.65 22.27 6.56
C HIS A 358 7.61 20.92 7.26
N MET A 359 8.59 20.73 8.15
CA MET A 359 8.67 19.55 9.01
C MET A 359 8.75 20.19 10.40
N TRP A 360 8.85 19.41 11.46
CA TRP A 360 8.87 19.99 12.79
C TRP A 360 10.19 19.92 13.54
N ASN A 361 10.56 21.03 14.20
CA ASN A 361 11.79 21.11 14.98
C ASN A 361 11.55 20.75 16.46
N LYS A 362 12.60 20.76 17.26
CA LYS A 362 12.53 20.41 18.67
C LYS A 362 11.56 21.26 19.50
N ASP A 363 11.19 22.43 18.98
CA ASP A 363 10.28 23.32 19.69
C ASP A 363 8.85 23.22 19.15
N ASP A 364 8.58 22.12 18.45
CA ASP A 364 7.27 21.89 17.86
C ASP A 364 6.79 23.03 16.97
N GLN A 365 7.72 23.57 16.19
CA GLN A 365 7.40 24.64 15.28
C GLN A 365 7.70 24.21 13.85
N GLU A 366 6.94 24.74 12.90
CA GLU A 366 7.15 24.42 11.50
C GLU A 366 8.42 25.11 11.05
N GLN A 367 9.22 24.43 10.23
CA GLN A 367 10.46 25.00 9.73
C GLN A 367 10.80 24.40 8.38
N ASP A 368 11.42 25.20 7.51
CA ASP A 368 11.83 24.71 6.19
C ASP A 368 12.80 23.56 6.42
N THR A 369 12.95 22.69 5.41
CA THR A 369 13.82 21.53 5.54
C THR A 369 14.56 21.11 4.28
N LEU A 370 15.74 20.54 4.47
CA LEU A 370 16.54 20.04 3.37
C LEU A 370 16.18 18.56 3.40
N ALA A 371 15.36 18.13 2.44
CA ALA A 371 14.92 16.74 2.39
C ALA A 371 15.88 15.85 1.62
N ILE A 372 16.68 15.08 2.34
CA ILE A 372 17.64 14.19 1.72
C ILE A 372 16.99 12.89 1.23
N ILE A 373 17.15 12.63 -0.06
CA ILE A 373 16.66 11.42 -0.71
C ILE A 373 17.91 11.05 -1.51
N PRO A 374 18.78 10.22 -0.92
CA PRO A 374 20.04 9.75 -1.51
C PRO A 374 20.03 9.45 -3.00
N ASP A 375 19.35 8.37 -3.38
CA ASP A 375 19.29 8.01 -4.79
C ASP A 375 18.36 8.95 -5.55
N SER A 376 18.79 9.33 -6.75
CA SER A 376 18.06 10.27 -7.60
C SER A 376 17.02 9.69 -8.55
N SER A 377 16.73 8.39 -8.45
CA SER A 377 15.74 7.80 -9.35
C SER A 377 14.37 8.49 -9.28
N TYR A 378 13.91 8.79 -8.07
CA TYR A 378 12.59 9.39 -7.90
C TYR A 378 12.52 10.74 -7.19
N ALA A 379 13.65 11.19 -6.63
CA ALA A 379 13.70 12.46 -5.91
C ALA A 379 13.17 13.65 -6.72
N GLY A 380 13.36 13.62 -8.04
CA GLY A 380 12.91 14.70 -8.90
C GLY A 380 11.41 14.95 -8.89
N VAL A 381 10.63 13.91 -8.65
CA VAL A 381 9.18 14.04 -8.62
C VAL A 381 8.77 15.02 -7.51
N TYR A 382 9.27 14.77 -6.31
CA TYR A 382 8.98 15.62 -5.16
C TYR A 382 9.53 17.02 -5.37
N GLN A 383 10.77 17.12 -5.82
CA GLN A 383 11.39 18.43 -6.06
C GLN A 383 10.57 19.27 -7.05
N THR A 384 10.03 18.61 -8.07
CA THR A 384 9.22 19.28 -9.09
C THR A 384 7.96 19.85 -8.46
N VAL A 385 7.37 19.12 -7.52
CA VAL A 385 6.14 19.61 -6.87
C VAL A 385 6.47 20.75 -5.91
N ILE A 386 7.60 20.65 -5.23
CA ILE A 386 8.03 21.71 -4.31
C ILE A 386 8.24 23.04 -5.05
N GLU A 387 8.99 23.01 -6.15
CA GLU A 387 9.24 24.22 -6.92
C GLU A 387 7.94 24.79 -7.47
N ASP A 388 7.02 23.92 -7.86
CA ASP A 388 5.74 24.33 -8.39
C ASP A 388 4.92 25.06 -7.32
N CYS A 389 4.94 24.55 -6.09
CA CYS A 389 4.19 25.17 -5.00
C CYS A 389 4.81 26.49 -4.59
N ARG A 390 6.14 26.55 -4.63
CA ARG A 390 6.82 27.77 -4.26
C ARG A 390 6.50 28.82 -5.33
N LYS A 391 6.28 28.36 -6.55
CA LYS A 391 5.97 29.27 -7.65
C LYS A 391 4.49 29.66 -7.77
N ASN A 392 3.60 28.69 -7.62
CA ASN A 392 2.17 28.95 -7.78
C ASN A 392 1.30 28.88 -6.52
N GLY A 393 1.90 28.53 -5.39
CA GLY A 393 1.14 28.44 -4.17
C GLY A 393 0.62 27.03 -3.94
N ALA A 394 -0.08 26.83 -2.81
CA ALA A 394 -0.64 25.53 -2.47
C ALA A 394 -1.70 25.12 -3.48
N PHE A 395 -1.96 23.83 -3.59
CA PHE A 395 -2.98 23.36 -4.51
C PHE A 395 -4.31 23.69 -3.85
N ASP A 396 -5.37 23.76 -4.67
CA ASP A 396 -6.71 24.05 -4.17
C ASP A 396 -7.58 22.81 -4.38
N PRO A 397 -7.84 22.05 -3.29
CA PRO A 397 -8.66 20.83 -3.35
C PRO A 397 -10.05 20.97 -3.97
N THR A 398 -10.63 22.17 -3.91
CA THR A 398 -11.97 22.38 -4.44
C THR A 398 -12.05 22.50 -5.96
N THR A 399 -10.92 22.76 -6.61
CA THR A 399 -10.90 22.90 -8.06
C THR A 399 -9.86 22.05 -8.79
N MET A 400 -8.89 21.50 -8.07
CA MET A 400 -7.83 20.71 -8.72
C MET A 400 -8.33 19.41 -9.37
N GLY A 401 -7.60 18.99 -10.40
CA GLY A 401 -7.95 17.77 -11.12
C GLY A 401 -7.48 16.54 -10.36
N THR A 402 -7.43 15.40 -11.04
CA THR A 402 -7.02 14.17 -10.38
C THR A 402 -5.94 13.42 -11.16
N VAL A 403 -5.08 12.70 -10.43
CA VAL A 403 -4.01 11.95 -11.05
C VAL A 403 -3.98 10.50 -10.56
N PRO A 404 -4.71 9.61 -11.25
CA PRO A 404 -4.79 8.18 -10.91
C PRO A 404 -3.44 7.52 -11.21
N ASN A 405 -3.33 6.24 -10.89
CA ASN A 405 -2.09 5.51 -11.15
C ASN A 405 -2.35 4.09 -11.66
N VAL A 406 -1.61 3.72 -12.70
CA VAL A 406 -1.66 2.38 -13.28
C VAL A 406 -0.23 1.92 -13.03
N GLY A 407 -0.05 1.05 -12.06
CA GLY A 407 1.30 0.63 -11.72
C GLY A 407 1.71 -0.80 -12.01
N LEU A 408 2.95 -0.93 -12.46
CA LEU A 408 3.55 -2.20 -12.78
C LEU A 408 3.99 -2.84 -11.46
N MET A 409 3.28 -3.87 -11.01
CA MET A 409 3.66 -4.50 -9.74
C MET A 409 3.58 -6.02 -9.74
N ALA A 410 3.02 -6.60 -10.80
CA ALA A 410 2.87 -8.05 -10.88
C ALA A 410 4.17 -8.80 -10.64
N GLN A 411 4.07 -9.84 -9.81
CA GLN A 411 5.17 -10.73 -9.44
C GLN A 411 6.38 -9.99 -8.82
N LYS A 412 6.10 -9.18 -7.80
CA LYS A 412 7.14 -8.42 -7.11
C LYS A 412 8.04 -7.70 -8.11
N ALA A 413 7.41 -6.97 -9.02
CA ALA A 413 8.12 -6.26 -10.06
C ALA A 413 9.16 -5.25 -9.58
N GLU A 414 10.27 -5.20 -10.31
CA GLU A 414 11.35 -4.25 -10.05
C GLU A 414 11.91 -4.24 -8.62
N GLU A 415 12.18 -3.07 -8.07
CA GLU A 415 12.76 -2.99 -6.72
C GLU A 415 12.07 -3.75 -5.60
N TYR A 416 10.75 -3.91 -5.68
CA TYR A 416 10.06 -4.61 -4.61
C TYR A 416 10.27 -6.12 -4.61
N GLY A 417 11.20 -6.57 -5.44
CA GLY A 417 11.54 -7.98 -5.52
C GLY A 417 13.06 -8.13 -5.56
N SER A 418 13.78 -7.03 -5.29
CA SER A 418 15.24 -7.03 -5.33
C SER A 418 15.94 -7.39 -4.02
N HIS A 419 15.16 -7.69 -3.00
CA HIS A 419 15.71 -8.01 -1.67
C HIS A 419 16.68 -9.18 -1.63
N ASP A 420 16.37 -10.24 -2.38
CA ASP A 420 17.23 -11.42 -2.40
C ASP A 420 18.34 -11.27 -3.44
N LYS A 421 18.47 -10.06 -4.00
CA LYS A 421 19.48 -9.78 -5.00
C LYS A 421 20.20 -8.47 -4.67
N THR A 422 20.25 -8.15 -3.37
CA THR A 422 20.91 -6.93 -2.89
C THR A 422 22.04 -7.37 -1.96
N PHE A 423 23.27 -6.93 -2.26
CA PHE A 423 24.40 -7.31 -1.43
C PHE A 423 25.31 -6.16 -1.06
N ARG A 424 25.83 -6.23 0.16
CA ARG A 424 26.75 -5.23 0.66
C ARG A 424 28.16 -5.65 0.27
N ILE A 425 28.75 -4.95 -0.67
CA ILE A 425 30.10 -5.27 -1.14
C ILE A 425 31.10 -5.12 0.00
N GLU A 426 31.90 -6.17 0.22
CA GLU A 426 32.90 -6.16 1.29
C GLU A 426 34.32 -5.91 0.80
N ALA A 427 34.60 -6.20 -0.47
CA ALA A 427 35.94 -6.00 -1.01
C ALA A 427 35.89 -5.34 -2.38
N ASP A 428 36.96 -4.63 -2.72
CA ASP A 428 37.02 -3.98 -4.03
C ASP A 428 37.02 -5.09 -5.08
N GLY A 429 36.64 -4.75 -6.30
CA GLY A 429 36.62 -5.74 -7.36
C GLY A 429 35.48 -5.45 -8.32
N VAL A 430 34.81 -6.51 -8.75
CA VAL A 430 33.70 -6.35 -9.67
C VAL A 430 32.65 -7.43 -9.46
N VAL A 431 31.40 -7.07 -9.72
CA VAL A 431 30.28 -8.01 -9.59
C VAL A 431 29.73 -8.19 -11.00
N GLN A 432 29.43 -9.43 -11.35
CA GLN A 432 28.91 -9.72 -12.68
C GLN A 432 27.79 -10.75 -12.65
N VAL A 433 26.87 -10.63 -13.61
CA VAL A 433 25.76 -11.55 -13.75
C VAL A 433 26.13 -12.44 -14.93
N VAL A 434 26.51 -13.67 -14.62
CA VAL A 434 26.94 -14.61 -15.65
C VAL A 434 25.89 -15.56 -16.19
N SER A 435 25.74 -15.55 -17.50
CA SER A 435 24.78 -16.39 -18.19
C SER A 435 25.05 -17.86 -17.87
N SER A 436 24.08 -18.71 -18.15
CA SER A 436 24.21 -20.14 -17.90
C SER A 436 25.35 -20.74 -18.70
N ASN A 437 25.64 -20.14 -19.85
CA ASN A 437 26.71 -20.61 -20.72
C ASN A 437 28.05 -19.97 -20.43
N GLY A 438 28.09 -19.02 -19.51
CA GLY A 438 29.34 -18.36 -19.17
C GLY A 438 29.44 -16.90 -19.56
N ASP A 439 28.66 -16.47 -20.54
CA ASP A 439 28.71 -15.07 -20.96
C ASP A 439 28.45 -14.12 -19.79
N VAL A 440 29.11 -12.96 -19.83
CA VAL A 440 28.93 -11.96 -18.79
C VAL A 440 27.85 -10.99 -19.27
N LEU A 441 26.63 -11.19 -18.78
CA LEU A 441 25.50 -10.36 -19.15
C LEU A 441 25.63 -8.94 -18.63
N ILE A 442 25.91 -8.82 -17.34
CA ILE A 442 26.05 -7.51 -16.70
C ILE A 442 27.26 -7.55 -15.77
N GLU A 443 28.00 -6.45 -15.72
CA GLU A 443 29.15 -6.37 -14.85
C GLU A 443 29.39 -4.95 -14.35
N HIS A 444 29.65 -4.83 -13.05
CA HIS A 444 29.90 -3.53 -12.44
C HIS A 444 31.18 -3.52 -11.61
N ASP A 445 31.88 -2.39 -11.62
CA ASP A 445 33.07 -2.24 -10.79
C ASP A 445 32.52 -1.88 -9.42
N VAL A 446 32.96 -2.60 -8.39
CA VAL A 446 32.49 -2.32 -7.04
C VAL A 446 33.64 -2.07 -6.07
N GLU A 447 33.31 -1.45 -4.95
CA GLU A 447 34.29 -1.16 -3.91
C GLU A 447 33.66 -1.49 -2.57
N ALA A 448 34.47 -1.89 -1.61
CA ALA A 448 33.98 -2.24 -0.27
C ALA A 448 32.99 -1.19 0.22
N ASN A 449 31.89 -1.66 0.82
CA ASN A 449 30.83 -0.82 1.35
C ASN A 449 29.76 -0.37 0.35
N ASP A 450 29.97 -0.68 -0.93
CA ASP A 450 29.01 -0.31 -1.97
C ASP A 450 27.80 -1.23 -1.85
N ILE A 451 26.68 -0.78 -2.40
CA ILE A 451 25.46 -1.57 -2.40
C ILE A 451 25.17 -1.95 -3.85
N TRP A 452 25.25 -3.25 -4.13
CA TRP A 452 24.97 -3.76 -5.47
C TRP A 452 23.56 -4.36 -5.42
N ARG A 453 22.77 -4.09 -6.45
CA ARG A 453 21.39 -4.58 -6.48
C ARG A 453 20.96 -5.06 -7.87
N ALA A 454 20.11 -6.08 -7.90
CA ALA A 454 19.57 -6.62 -9.14
C ALA A 454 18.05 -6.62 -9.04
N CYS A 455 17.40 -6.18 -10.12
CA CYS A 455 15.93 -6.12 -10.18
C CYS A 455 15.44 -6.86 -11.41
N GLN A 456 14.21 -7.38 -11.35
CA GLN A 456 13.64 -8.08 -12.48
C GLN A 456 12.14 -7.88 -12.60
N VAL A 457 11.66 -7.80 -13.84
CA VAL A 457 10.22 -7.65 -14.13
C VAL A 457 9.96 -8.46 -15.40
N LYS A 458 8.92 -9.29 -15.38
CA LYS A 458 8.61 -10.14 -16.52
C LYS A 458 7.85 -9.46 -17.65
N ASP A 459 7.87 -10.09 -18.82
CA ASP A 459 7.22 -9.53 -20.00
C ASP A 459 5.70 -9.49 -19.96
N ALA A 460 5.08 -10.57 -19.48
CA ALA A 460 3.62 -10.63 -19.40
C ALA A 460 3.11 -9.48 -18.52
N PRO A 461 3.72 -9.30 -17.32
CA PRO A 461 3.29 -8.20 -16.44
C PRO A 461 3.35 -6.86 -17.20
N ILE A 462 4.39 -6.70 -18.01
CA ILE A 462 4.57 -5.49 -18.79
C ILE A 462 3.49 -5.32 -19.85
N GLN A 463 3.17 -6.40 -20.57
CA GLN A 463 2.13 -6.32 -21.59
C GLN A 463 0.77 -6.02 -20.96
N ASP A 464 0.51 -6.63 -19.80
CA ASP A 464 -0.75 -6.42 -19.09
C ASP A 464 -0.85 -4.98 -18.60
N TRP A 465 0.29 -4.45 -18.15
CA TRP A 465 0.39 -3.07 -17.66
C TRP A 465 0.05 -2.10 -18.79
N VAL A 466 0.60 -2.33 -19.98
CA VAL A 466 0.33 -1.47 -21.12
C VAL A 466 -1.15 -1.55 -21.50
N LYS A 467 -1.71 -2.76 -21.43
CA LYS A 467 -3.13 -2.95 -21.74
C LYS A 467 -3.99 -2.19 -20.75
N LEU A 468 -3.65 -2.29 -19.46
CA LEU A 468 -4.39 -1.60 -18.41
C LEU A 468 -4.37 -0.08 -18.63
N ALA A 469 -3.22 0.45 -19.06
CA ALA A 469 -3.11 1.89 -19.32
C ALA A 469 -4.08 2.32 -20.43
N VAL A 470 -4.07 1.57 -21.54
CA VAL A 470 -4.95 1.84 -22.68
C VAL A 470 -6.42 1.76 -22.24
N THR A 471 -6.72 0.73 -21.47
CA THR A 471 -8.07 0.52 -20.96
C THR A 471 -8.57 1.67 -20.10
N ARG A 472 -7.72 2.15 -19.19
CA ARG A 472 -8.10 3.24 -18.31
C ARG A 472 -8.29 4.57 -19.05
N SER A 473 -7.39 4.86 -19.99
CA SER A 473 -7.48 6.09 -20.78
C SER A 473 -8.75 6.03 -21.64
N ARG A 474 -9.03 4.85 -22.21
CA ARG A 474 -10.21 4.64 -23.04
C ARG A 474 -11.50 4.81 -22.24
N LEU A 475 -11.61 4.11 -21.12
CA LEU A 475 -12.80 4.19 -20.28
C LEU A 475 -13.00 5.54 -19.58
N SER A 476 -11.92 6.16 -19.14
CA SER A 476 -12.03 7.44 -18.42
C SER A 476 -11.97 8.68 -19.31
N GLY A 477 -11.33 8.56 -20.46
CA GLY A 477 -11.21 9.70 -21.35
C GLY A 477 -10.09 10.59 -20.87
N MET A 478 -9.33 10.13 -19.88
CA MET A 478 -8.21 10.89 -19.35
C MET A 478 -6.93 10.51 -20.10
N PRO A 479 -6.08 11.48 -20.44
CA PRO A 479 -4.84 11.17 -21.15
C PRO A 479 -3.93 10.39 -20.22
N ALA A 480 -3.14 9.49 -20.78
CA ALA A 480 -2.22 8.69 -19.99
C ALA A 480 -0.77 9.04 -20.33
N VAL A 481 0.07 9.06 -19.30
CA VAL A 481 1.47 9.37 -19.48
C VAL A 481 2.32 8.28 -18.82
N PHE A 482 3.22 7.66 -19.58
CA PHE A 482 4.12 6.65 -19.02
C PHE A 482 5.31 7.43 -18.44
N TRP A 483 5.59 7.23 -17.15
CA TRP A 483 6.69 7.90 -16.47
C TRP A 483 7.94 7.05 -16.61
N LEU A 484 8.76 7.39 -17.60
CA LEU A 484 9.99 6.64 -17.85
C LEU A 484 11.17 7.60 -18.04
N ASP A 485 12.20 7.40 -17.23
CA ASP A 485 13.41 8.22 -17.21
C ASP A 485 14.43 7.88 -18.31
N PRO A 486 14.70 8.83 -19.23
CA PRO A 486 15.65 8.61 -20.32
C PRO A 486 17.05 8.29 -19.80
N GLU A 487 17.33 8.70 -18.57
CA GLU A 487 18.62 8.47 -17.93
C GLU A 487 18.80 7.10 -17.28
N ARG A 488 17.77 6.27 -17.30
CA ARG A 488 17.89 4.94 -16.72
C ARG A 488 17.87 3.86 -17.79
N ALA A 489 18.82 2.93 -17.71
CA ALA A 489 18.89 1.83 -18.65
C ALA A 489 17.60 1.01 -18.56
N HIS A 490 17.11 0.81 -17.33
CA HIS A 490 15.87 0.05 -17.11
C HIS A 490 14.68 0.71 -17.82
N ASP A 491 14.49 2.00 -17.57
CA ASP A 491 13.39 2.75 -18.18
C ASP A 491 13.49 2.82 -19.69
N ARG A 492 14.72 2.88 -20.20
CA ARG A 492 14.92 2.93 -21.65
C ARG A 492 14.46 1.59 -22.24
N ASN A 493 14.67 0.51 -21.50
CA ASN A 493 14.24 -0.81 -21.95
C ASN A 493 12.71 -0.88 -21.95
N LEU A 494 12.08 -0.40 -20.88
CA LEU A 494 10.63 -0.43 -20.81
C LEU A 494 9.99 0.46 -21.87
N ALA A 495 10.59 1.61 -22.13
CA ALA A 495 10.05 2.53 -23.12
C ALA A 495 9.89 1.87 -24.49
N SER A 496 10.88 1.07 -24.90
CA SER A 496 10.85 0.39 -26.18
C SER A 496 9.78 -0.70 -26.19
N LEU A 497 9.59 -1.35 -25.04
CA LEU A 497 8.57 -2.38 -24.95
C LEU A 497 7.17 -1.75 -24.96
N VAL A 498 7.05 -0.59 -24.34
CA VAL A 498 5.78 0.13 -24.28
C VAL A 498 5.41 0.56 -25.70
N GLU A 499 6.39 1.11 -26.41
CA GLU A 499 6.16 1.55 -27.77
C GLU A 499 5.76 0.36 -28.64
N LYS A 500 6.36 -0.80 -28.37
CA LYS A 500 6.06 -2.02 -29.10
C LYS A 500 4.65 -2.54 -28.80
N TYR A 501 4.32 -2.66 -27.52
CA TYR A 501 3.02 -3.19 -27.10
C TYR A 501 1.82 -2.25 -27.31
N LEU A 502 2.05 -0.94 -27.37
CA LEU A 502 0.95 -0.02 -27.61
C LEU A 502 0.37 -0.31 -28.99
N ALA A 503 1.21 -0.80 -29.89
CA ALA A 503 0.78 -1.13 -31.24
C ALA A 503 -0.22 -2.29 -31.26
N ASP A 504 -0.26 -3.11 -30.22
CA ASP A 504 -1.20 -4.22 -30.16
C ASP A 504 -2.60 -3.75 -29.80
N HIS A 505 -2.73 -2.47 -29.45
CA HIS A 505 -4.02 -1.92 -29.04
C HIS A 505 -4.55 -0.83 -29.96
N ASP A 506 -5.85 -0.63 -29.88
CA ASP A 506 -6.52 0.39 -30.66
C ASP A 506 -6.42 1.67 -29.82
N THR A 507 -5.56 2.59 -30.22
CA THR A 507 -5.38 3.83 -29.47
C THR A 507 -5.87 5.06 -30.21
N GLU A 508 -6.65 4.85 -31.27
CA GLU A 508 -7.22 5.96 -32.03
C GLU A 508 -8.13 6.73 -31.08
N GLY A 509 -7.93 8.05 -31.01
CA GLY A 509 -8.76 8.86 -30.12
C GLY A 509 -8.22 8.97 -28.70
N LEU A 510 -7.15 8.24 -28.41
CA LEU A 510 -6.53 8.27 -27.08
C LEU A 510 -5.29 9.17 -27.07
N ASP A 511 -5.08 9.84 -25.94
CA ASP A 511 -3.94 10.72 -25.75
C ASP A 511 -2.96 10.02 -24.80
N ILE A 512 -1.99 9.31 -25.40
CA ILE A 512 -0.99 8.57 -24.63
C ILE A 512 0.43 9.00 -25.00
N GLN A 513 1.31 9.10 -24.01
CA GLN A 513 2.67 9.51 -24.29
C GLN A 513 3.63 9.04 -23.22
N ILE A 514 4.92 9.26 -23.47
CA ILE A 514 5.98 8.88 -22.55
C ILE A 514 6.79 10.11 -22.18
N LEU A 515 6.98 10.34 -20.88
CA LEU A 515 7.77 11.46 -20.38
C LEU A 515 8.61 11.00 -19.19
N SER A 516 9.69 11.72 -18.92
CA SER A 516 10.54 11.38 -17.79
C SER A 516 9.70 11.64 -16.54
N PRO A 517 10.04 11.00 -15.42
CA PRO A 517 9.25 11.25 -14.22
C PRO A 517 9.10 12.75 -13.93
N VAL A 518 10.16 13.52 -14.11
CA VAL A 518 10.10 14.96 -13.85
C VAL A 518 9.18 15.70 -14.82
N GLU A 519 9.32 15.43 -16.12
CA GLU A 519 8.47 16.07 -17.12
C GLU A 519 7.03 15.62 -16.94
N ALA A 520 6.85 14.37 -16.54
CA ALA A 520 5.52 13.82 -16.33
C ALA A 520 4.85 14.50 -15.13
N THR A 521 5.62 14.74 -14.07
CA THR A 521 5.09 15.38 -12.87
C THR A 521 4.65 16.80 -13.21
N GLN A 522 5.49 17.53 -13.93
CA GLN A 522 5.19 18.90 -14.32
C GLN A 522 3.88 19.02 -15.11
N LEU A 523 3.73 18.17 -16.13
CA LEU A 523 2.52 18.18 -16.94
C LEU A 523 1.30 17.87 -16.08
N SER A 524 1.41 16.82 -15.26
CA SER A 524 0.32 16.41 -14.40
C SER A 524 -0.15 17.49 -13.45
N ILE A 525 0.79 18.22 -12.83
CA ILE A 525 0.42 19.28 -11.90
C ILE A 525 0.01 20.56 -12.64
N ASP A 526 0.50 20.74 -13.85
CA ASP A 526 0.09 21.91 -14.63
C ASP A 526 -1.40 21.72 -14.91
N ARG A 527 -1.76 20.51 -15.32
CA ARG A 527 -3.14 20.19 -15.65
C ARG A 527 -4.02 20.14 -14.41
N ILE A 528 -3.51 19.55 -13.33
CA ILE A 528 -4.27 19.46 -12.09
C ILE A 528 -4.69 20.84 -11.58
N ARG A 529 -3.80 21.83 -11.71
CA ARG A 529 -4.12 23.17 -11.25
C ARG A 529 -5.22 23.82 -12.09
N ARG A 530 -5.35 23.42 -13.35
CA ARG A 530 -6.40 23.99 -14.19
C ARG A 530 -7.59 23.01 -14.28
N GLY A 531 -7.72 22.20 -13.22
CA GLY A 531 -8.82 21.25 -13.11
C GLY A 531 -8.90 20.06 -14.04
N GLU A 532 -7.79 19.73 -14.70
CA GLU A 532 -7.77 18.61 -15.62
C GLU A 532 -7.09 17.38 -15.00
N ASP A 533 -7.33 16.23 -15.62
CA ASP A 533 -6.81 14.96 -15.13
C ASP A 533 -5.77 14.28 -16.01
N THR A 534 -4.89 13.52 -15.38
CA THR A 534 -3.82 12.82 -16.08
C THR A 534 -3.52 11.50 -15.37
N ILE A 535 -3.59 10.40 -16.10
CA ILE A 535 -3.29 9.10 -15.52
C ILE A 535 -1.75 8.93 -15.50
N SER A 536 -1.21 8.52 -14.36
CA SER A 536 0.23 8.28 -14.29
C SER A 536 0.42 6.77 -14.45
N VAL A 537 1.15 6.36 -15.48
CA VAL A 537 1.44 4.95 -15.72
C VAL A 537 2.89 4.81 -15.31
N THR A 538 3.11 4.10 -14.20
CA THR A 538 4.45 4.00 -13.65
C THR A 538 4.88 2.62 -13.21
N GLY A 539 6.14 2.54 -12.79
CA GLY A 539 6.69 1.29 -12.28
C GLY A 539 6.22 1.08 -10.84
N ASN A 540 6.71 0.03 -10.22
CA ASN A 540 6.33 -0.32 -8.85
C ASN A 540 6.56 0.74 -7.78
N VAL A 541 7.79 1.26 -7.71
CA VAL A 541 8.09 2.26 -6.70
C VAL A 541 7.27 3.54 -6.90
N LEU A 542 7.24 4.08 -8.12
CA LEU A 542 6.45 5.29 -8.35
C LEU A 542 4.97 5.04 -8.11
N ARG A 543 4.55 3.78 -8.28
CA ARG A 543 3.15 3.42 -8.01
C ARG A 543 2.94 3.65 -6.52
N ASP A 544 3.89 3.14 -5.72
CA ASP A 544 3.87 3.27 -4.27
C ASP A 544 3.94 4.75 -3.85
N TYR A 545 4.70 5.57 -4.58
CA TYR A 545 4.82 6.99 -4.24
C TYR A 545 3.64 7.83 -4.71
N ASN A 546 3.24 7.66 -5.97
CA ASN A 546 2.14 8.41 -6.55
C ASN A 546 0.78 8.17 -5.90
N THR A 547 0.54 6.94 -5.42
CA THR A 547 -0.75 6.64 -4.80
C THR A 547 -0.85 7.23 -3.39
N ASP A 548 0.23 7.86 -2.94
CA ASP A 548 0.24 8.54 -1.65
C ASP A 548 0.24 10.03 -1.94
N LEU A 549 1.21 10.45 -2.75
CA LEU A 549 1.38 11.86 -3.10
C LEU A 549 0.15 12.60 -3.57
N PHE A 550 -0.41 12.19 -4.71
CA PHE A 550 -1.58 12.90 -5.22
C PHE A 550 -2.84 12.76 -4.39
N PRO A 551 -3.14 11.55 -3.89
CA PRO A 551 -4.35 11.43 -3.07
C PRO A 551 -4.28 12.31 -1.82
N ILE A 552 -3.10 12.43 -1.22
CA ILE A 552 -2.95 13.27 -0.04
C ILE A 552 -3.19 14.74 -0.40
N LEU A 553 -2.66 15.19 -1.52
CA LEU A 553 -2.87 16.57 -1.94
C LEU A 553 -4.31 16.83 -2.34
N GLU A 554 -4.92 15.89 -3.06
CA GLU A 554 -6.30 16.02 -3.54
C GLU A 554 -7.36 15.75 -2.48
N LEU A 555 -7.09 14.78 -1.61
CA LEU A 555 -8.05 14.36 -0.60
C LEU A 555 -7.63 14.56 0.84
N GLY A 556 -6.35 14.86 1.07
CA GLY A 556 -5.87 15.05 2.43
C GLY A 556 -5.54 13.72 3.07
N THR A 557 -5.71 12.64 2.31
CA THR A 557 -5.44 11.30 2.81
C THR A 557 -5.37 10.34 1.64
N SER A 558 -4.65 9.23 1.83
CA SER A 558 -4.55 8.23 0.78
C SER A 558 -5.34 6.99 1.23
N ALA A 559 -6.00 7.14 2.39
CA ALA A 559 -6.79 6.09 3.02
C ALA A 559 -8.09 5.70 2.31
N LYS A 560 -8.72 6.65 1.65
CA LYS A 560 -9.97 6.40 0.95
C LYS A 560 -9.70 6.35 -0.55
N MET A 561 -9.32 5.18 -1.06
CA MET A 561 -9.00 5.02 -2.46
C MET A 561 -9.73 3.89 -3.14
N LEU A 562 -9.85 3.99 -4.46
CA LEU A 562 -10.46 2.92 -5.24
C LEU A 562 -9.20 2.10 -5.56
N SER A 563 -9.20 0.82 -5.20
CA SER A 563 -8.03 -0.02 -5.43
C SER A 563 -8.38 -1.31 -6.17
N VAL A 564 -7.96 -1.38 -7.43
CA VAL A 564 -8.26 -2.52 -8.27
C VAL A 564 -7.02 -3.26 -8.75
N VAL A 565 -7.13 -4.58 -8.81
CA VAL A 565 -6.04 -5.40 -9.33
C VAL A 565 -6.61 -6.23 -10.47
N PRO A 566 -6.39 -5.78 -11.72
CA PRO A 566 -6.90 -6.52 -12.88
C PRO A 566 -6.15 -7.85 -12.89
N LEU A 567 -6.86 -8.94 -12.64
CA LEU A 567 -6.21 -10.24 -12.58
C LEU A 567 -5.74 -10.75 -13.93
N MET A 568 -4.69 -11.57 -13.89
CA MET A 568 -4.07 -12.15 -15.08
C MET A 568 -5.03 -12.73 -16.12
N ALA A 569 -5.93 -13.60 -15.67
CA ALA A 569 -6.88 -14.26 -16.56
C ALA A 569 -8.10 -13.45 -16.96
N GLY A 570 -8.10 -12.15 -16.64
CA GLY A 570 -9.24 -11.32 -17.01
C GLY A 570 -10.26 -11.01 -15.93
N GLY A 571 -10.10 -11.59 -14.75
CA GLY A 571 -11.04 -11.30 -13.67
C GLY A 571 -10.60 -10.06 -12.93
N GLY A 572 -11.21 -9.78 -11.79
CA GLY A 572 -10.81 -8.60 -11.04
C GLY A 572 -10.82 -8.78 -9.53
N LEU A 573 -9.89 -8.09 -8.88
CA LEU A 573 -9.78 -8.08 -7.42
C LEU A 573 -10.01 -6.64 -6.99
N PHE A 574 -10.99 -6.41 -6.12
CA PHE A 574 -11.30 -5.06 -5.65
C PHE A 574 -11.08 -4.97 -4.14
N GLU A 575 -9.97 -4.32 -3.76
CA GLU A 575 -9.60 -4.15 -2.37
C GLU A 575 -10.29 -2.94 -1.75
N THR A 576 -11.08 -3.20 -0.69
CA THR A 576 -11.84 -2.14 -0.04
C THR A 576 -11.04 -1.16 0.82
N GLY A 577 -9.90 -1.60 1.32
CA GLY A 577 -9.07 -0.74 2.15
C GLY A 577 -7.72 -1.34 2.40
N ALA A 578 -6.76 -0.52 2.83
CA ALA A 578 -5.40 -1.01 3.07
C ALA A 578 -5.03 -1.10 4.53
N GLY A 579 -5.88 -0.58 5.41
CA GLY A 579 -5.57 -0.64 6.83
C GLY A 579 -5.74 -2.04 7.38
N GLY A 580 -5.88 -2.15 8.70
CA GLY A 580 -6.06 -3.45 9.33
C GLY A 580 -7.54 -3.64 9.62
N SER A 581 -7.86 -4.66 10.40
CA SER A 581 -9.25 -4.96 10.74
C SER A 581 -9.71 -4.33 12.06
N ALA A 582 -8.99 -3.29 12.48
CA ALA A 582 -9.30 -2.50 13.68
C ALA A 582 -9.84 -3.23 14.91
N PRO A 583 -8.94 -3.81 15.73
CA PRO A 583 -9.38 -4.52 16.94
C PRO A 583 -10.12 -3.61 17.94
N LYS A 584 -9.70 -2.36 18.07
CA LYS A 584 -10.36 -1.44 19.00
C LYS A 584 -11.84 -1.23 18.68
N HIS A 585 -12.22 -1.35 17.41
CA HIS A 585 -13.61 -1.20 17.00
C HIS A 585 -14.44 -2.36 17.53
N VAL A 586 -13.86 -3.55 17.50
CA VAL A 586 -14.55 -4.74 17.99
C VAL A 586 -14.74 -4.58 19.49
N GLN A 587 -13.70 -4.10 20.16
CA GLN A 587 -13.74 -3.87 21.60
C GLN A 587 -14.93 -2.98 21.97
N GLN A 588 -15.17 -1.93 21.20
CA GLN A 588 -16.29 -1.03 21.47
C GLN A 588 -17.64 -1.72 21.29
N VAL A 589 -17.70 -2.69 20.39
CA VAL A 589 -18.93 -3.43 20.16
C VAL A 589 -19.18 -4.33 21.37
N GLN A 590 -18.12 -4.95 21.87
CA GLN A 590 -18.23 -5.82 23.04
C GLN A 590 -18.63 -5.00 24.27
N GLU A 591 -18.11 -3.78 24.35
CA GLU A 591 -18.38 -2.89 25.48
C GLU A 591 -19.69 -2.12 25.48
N GLU A 592 -20.09 -1.57 24.33
CA GLU A 592 -21.31 -0.77 24.25
C GLU A 592 -22.10 -0.94 22.97
N ASN A 593 -21.88 -2.05 22.27
CA ASN A 593 -22.59 -2.36 21.03
C ASN A 593 -22.68 -1.21 19.99
N HIS A 594 -21.56 -0.55 19.73
CA HIS A 594 -21.48 0.52 18.74
C HIS A 594 -20.29 0.19 17.84
N LEU A 595 -20.53 -0.04 16.55
CA LEU A 595 -19.45 -0.36 15.62
C LEU A 595 -19.13 0.89 14.80
N ARG A 596 -17.94 1.45 14.98
CA ARG A 596 -17.59 2.67 14.23
C ARG A 596 -16.81 2.42 12.94
N TRP A 597 -16.67 1.14 12.56
CA TRP A 597 -15.99 0.79 11.33
C TRP A 597 -16.68 1.44 10.13
N ASP A 598 -15.91 2.12 9.29
CA ASP A 598 -16.44 2.81 8.12
C ASP A 598 -16.44 1.87 6.90
N SER A 599 -17.63 1.59 6.37
CA SER A 599 -17.75 0.70 5.21
C SER A 599 -17.63 1.44 3.87
N LEU A 600 -17.30 2.72 3.90
CA LEU A 600 -17.18 3.49 2.65
C LEU A 600 -16.39 2.74 1.59
N GLY A 601 -15.28 2.14 1.99
CA GLY A 601 -14.43 1.42 1.05
C GLY A 601 -15.12 0.25 0.38
N GLU A 602 -16.02 -0.39 1.11
CA GLU A 602 -16.78 -1.53 0.59
C GLU A 602 -17.78 -1.04 -0.45
N PHE A 603 -18.40 0.11 -0.17
CA PHE A 603 -19.37 0.69 -1.10
C PHE A 603 -18.67 1.02 -2.43
N LEU A 604 -17.51 1.65 -2.32
CA LEU A 604 -16.73 2.06 -3.48
C LEU A 604 -16.27 0.86 -4.30
N ALA A 605 -15.70 -0.14 -3.61
CA ALA A 605 -15.23 -1.34 -4.29
C ALA A 605 -16.37 -2.10 -4.98
N LEU A 606 -17.54 -2.16 -4.30
CA LEU A 606 -18.69 -2.85 -4.86
C LEU A 606 -19.16 -2.22 -6.17
N ALA A 607 -19.16 -0.88 -6.25
CA ALA A 607 -19.56 -0.19 -7.47
C ALA A 607 -18.63 -0.57 -8.62
N GLU A 608 -17.33 -0.64 -8.34
CA GLU A 608 -16.35 -1.00 -9.35
C GLU A 608 -16.50 -2.48 -9.76
N SER A 609 -16.86 -3.33 -8.78
CA SER A 609 -17.05 -4.76 -9.02
C SER A 609 -18.18 -4.97 -10.02
N PHE A 610 -19.25 -4.20 -9.86
CA PHE A 610 -20.40 -4.25 -10.76
C PHE A 610 -19.95 -3.76 -12.14
N ARG A 611 -19.09 -2.75 -12.19
CA ARG A 611 -18.61 -2.25 -13.47
C ARG A 611 -17.73 -3.28 -14.19
N HIS A 612 -17.07 -4.14 -13.42
CA HIS A 612 -16.25 -5.20 -14.02
C HIS A 612 -17.21 -6.08 -14.79
N GLU A 613 -18.34 -6.41 -14.17
CA GLU A 613 -19.36 -7.25 -14.79
C GLU A 613 -19.95 -6.58 -16.03
N LEU A 614 -20.16 -5.27 -15.96
CA LEU A 614 -20.69 -4.53 -17.09
C LEU A 614 -19.72 -4.51 -18.26
N ASN A 615 -18.49 -4.09 -18.00
CA ASN A 615 -17.47 -3.96 -19.02
C ASN A 615 -16.85 -5.24 -19.56
N ASN A 616 -16.79 -6.28 -18.74
CA ASN A 616 -16.17 -7.53 -19.18
C ASN A 616 -17.11 -8.70 -19.45
N ASN A 617 -18.29 -8.68 -18.84
CA ASN A 617 -19.27 -9.75 -19.04
C ASN A 617 -20.58 -9.20 -19.60
N GLY A 618 -20.48 -7.99 -20.15
CA GLY A 618 -21.62 -7.31 -20.75
C GLY A 618 -22.89 -7.24 -19.93
N ASN A 619 -22.79 -7.18 -18.61
CA ASN A 619 -23.96 -7.11 -17.75
C ASN A 619 -24.44 -5.65 -17.65
N THR A 620 -25.42 -5.29 -18.48
CA THR A 620 -25.93 -3.93 -18.49
C THR A 620 -26.66 -3.57 -17.19
N LYS A 621 -27.34 -4.56 -16.61
CA LYS A 621 -28.04 -4.31 -15.35
C LYS A 621 -27.06 -4.00 -14.23
N ALA A 622 -25.86 -4.59 -14.30
CA ALA A 622 -24.85 -4.33 -13.28
C ALA A 622 -24.39 -2.87 -13.35
N GLY A 623 -24.37 -2.30 -14.56
CA GLY A 623 -23.97 -0.92 -14.72
C GLY A 623 -25.01 0.03 -14.13
N VAL A 624 -26.28 -0.37 -14.20
CA VAL A 624 -27.38 0.41 -13.65
C VAL A 624 -27.27 0.40 -12.13
N LEU A 625 -26.93 -0.77 -11.60
CA LEU A 625 -26.75 -0.93 -10.16
C LEU A 625 -25.59 -0.05 -9.70
N ALA A 626 -24.51 -0.03 -10.49
CA ALA A 626 -23.32 0.74 -10.19
C ALA A 626 -23.61 2.23 -10.21
N ASP A 627 -24.31 2.70 -11.23
CA ASP A 627 -24.63 4.12 -11.29
C ASP A 627 -25.46 4.58 -10.08
N ALA A 628 -26.43 3.76 -9.69
CA ALA A 628 -27.29 4.07 -8.54
C ALA A 628 -26.51 4.02 -7.22
N LEU A 629 -25.57 3.08 -7.12
CA LEU A 629 -24.76 2.95 -5.93
C LEU A 629 -23.83 4.15 -5.79
N ASP A 630 -23.31 4.65 -6.92
CA ASP A 630 -22.44 5.83 -6.90
C ASP A 630 -23.22 6.98 -6.27
N LYS A 631 -24.43 7.21 -6.76
CA LYS A 631 -25.26 8.30 -6.27
C LYS A 631 -25.67 8.12 -4.81
N ALA A 632 -25.93 6.87 -4.43
CA ALA A 632 -26.32 6.57 -3.07
C ALA A 632 -25.17 6.91 -2.12
N THR A 633 -23.94 6.59 -2.54
CA THR A 633 -22.76 6.86 -1.72
C THR A 633 -22.53 8.36 -1.57
N GLU A 634 -22.79 9.11 -2.64
CA GLU A 634 -22.62 10.56 -2.58
C GLU A 634 -23.57 11.14 -1.54
N LYS A 635 -24.81 10.67 -1.54
CA LYS A 635 -25.81 11.14 -0.60
C LYS A 635 -25.48 10.75 0.84
N LEU A 636 -24.98 9.52 1.02
CA LEU A 636 -24.61 9.07 2.35
C LEU A 636 -23.58 10.05 2.91
N LEU A 637 -22.59 10.38 2.08
CA LEU A 637 -21.54 11.31 2.48
C LEU A 637 -22.06 12.75 2.61
N ASN A 638 -23.00 13.13 1.74
CA ASN A 638 -23.55 14.49 1.79
C ASN A 638 -24.28 14.72 3.11
N GLU A 639 -24.94 13.68 3.61
CA GLU A 639 -25.68 13.78 4.87
C GLU A 639 -24.84 13.33 6.05
N GLU A 640 -23.55 13.14 5.82
CA GLU A 640 -22.62 12.73 6.87
C GLU A 640 -23.14 11.53 7.65
N LYS A 641 -23.62 10.53 6.92
CA LYS A 641 -24.16 9.32 7.55
C LYS A 641 -23.17 8.16 7.67
N SER A 642 -21.87 8.48 7.66
CA SER A 642 -20.84 7.47 7.85
C SER A 642 -20.92 7.24 9.36
N PRO A 643 -20.32 6.15 9.87
CA PRO A 643 -20.39 5.90 11.32
C PRO A 643 -19.80 6.99 12.19
N SER A 644 -20.48 7.27 13.30
CA SER A 644 -19.97 8.23 14.28
C SER A 644 -19.11 7.35 15.18
N ARG A 645 -18.24 7.98 15.96
CA ARG A 645 -17.37 7.25 16.88
C ARG A 645 -18.03 7.04 18.24
N LYS A 646 -19.11 7.78 18.50
CA LYS A 646 -19.80 7.71 19.79
C LYS A 646 -21.06 6.88 19.87
N VAL A 647 -21.26 6.21 21.00
CA VAL A 647 -22.44 5.39 21.22
C VAL A 647 -23.69 6.25 21.26
N GLY A 648 -24.82 5.67 20.85
CA GLY A 648 -26.06 6.43 20.84
C GLY A 648 -26.20 7.19 19.53
N GLU A 649 -25.14 7.20 18.72
CA GLU A 649 -25.15 7.87 17.43
C GLU A 649 -25.03 6.83 16.33
N ILE A 650 -25.28 7.26 15.10
CA ILE A 650 -25.22 6.38 13.93
C ILE A 650 -23.93 5.58 13.88
N ASP A 651 -24.04 4.26 13.68
CA ASP A 651 -22.85 3.45 13.59
C ASP A 651 -22.83 2.67 12.26
N ASN A 652 -21.95 1.70 12.14
CA ASN A 652 -21.83 0.91 10.93
C ASN A 652 -23.16 0.37 10.39
N ARG A 653 -23.98 -0.23 11.26
CA ARG A 653 -25.27 -0.77 10.84
C ARG A 653 -26.21 0.32 10.31
N GLY A 654 -26.19 1.47 10.97
CA GLY A 654 -27.02 2.58 10.53
C GLY A 654 -26.58 3.09 9.17
N SER A 655 -25.27 3.16 8.94
CA SER A 655 -24.79 3.64 7.64
C SER A 655 -25.25 2.71 6.52
N HIS A 656 -25.28 1.41 6.80
CA HIS A 656 -25.71 0.41 5.82
C HIS A 656 -27.17 0.61 5.46
N PHE A 657 -28.00 0.88 6.47
CA PHE A 657 -29.41 1.11 6.22
C PHE A 657 -29.62 2.30 5.30
N TRP A 658 -29.03 3.44 5.66
CA TRP A 658 -29.19 4.65 4.85
C TRP A 658 -28.64 4.49 3.45
N LEU A 659 -27.50 3.80 3.31
CA LEU A 659 -26.94 3.58 1.99
C LEU A 659 -27.95 2.75 1.20
N THR A 660 -28.48 1.70 1.83
CA THR A 660 -29.45 0.84 1.18
C THR A 660 -30.70 1.60 0.76
N LYS A 661 -31.19 2.49 1.63
CA LYS A 661 -32.38 3.29 1.31
C LYS A 661 -32.12 4.17 0.10
N PHE A 662 -30.99 4.88 0.12
CA PHE A 662 -30.62 5.79 -0.97
C PHE A 662 -30.40 5.02 -2.27
N TRP A 663 -29.84 3.81 -2.15
CA TRP A 663 -29.56 2.97 -3.32
C TRP A 663 -30.87 2.51 -3.96
N ALA A 664 -31.82 2.08 -3.14
CA ALA A 664 -33.12 1.64 -3.65
C ALA A 664 -33.81 2.84 -4.32
N ASP A 665 -33.75 4.01 -3.69
CA ASP A 665 -34.36 5.22 -4.25
C ASP A 665 -33.86 5.48 -5.67
N GLU A 666 -32.53 5.54 -5.83
CA GLU A 666 -31.92 5.78 -7.13
C GLU A 666 -32.34 4.74 -8.16
N LEU A 667 -32.40 3.49 -7.73
CA LEU A 667 -32.79 2.42 -8.64
C LEU A 667 -34.26 2.57 -9.06
N ALA A 668 -35.10 3.02 -8.13
CA ALA A 668 -36.51 3.21 -8.45
C ALA A 668 -36.70 4.46 -9.30
N ALA A 669 -35.80 5.42 -9.16
CA ALA A 669 -35.87 6.68 -9.89
C ALA A 669 -35.23 6.67 -11.28
N GLN A 670 -34.25 5.81 -11.49
CA GLN A 670 -33.57 5.73 -12.79
C GLN A 670 -34.51 5.23 -13.89
N THR A 671 -34.25 5.68 -15.12
CA THR A 671 -35.09 5.30 -16.26
C THR A 671 -34.38 4.48 -17.33
N GLU A 672 -33.18 4.00 -17.04
CA GLU A 672 -32.43 3.21 -18.01
C GLU A 672 -32.99 1.79 -18.10
N ASP A 673 -33.48 1.28 -16.99
CA ASP A 673 -34.04 -0.07 -16.94
C ASP A 673 -35.38 -0.03 -16.20
N ALA A 674 -36.46 -0.06 -16.97
CA ALA A 674 -37.80 -0.02 -16.39
C ALA A 674 -38.04 -1.21 -15.47
N ASP A 675 -37.46 -2.35 -15.81
CA ASP A 675 -37.63 -3.54 -15.01
C ASP A 675 -37.00 -3.36 -13.65
N LEU A 676 -35.75 -2.96 -13.62
CA LEU A 676 -35.09 -2.75 -12.34
C LEU A 676 -35.87 -1.70 -11.57
N ALA A 677 -36.30 -0.65 -12.28
CA ALA A 677 -37.05 0.42 -11.63
C ALA A 677 -38.29 -0.15 -10.95
N ALA A 678 -38.97 -1.05 -11.65
CA ALA A 678 -40.17 -1.68 -11.13
C ALA A 678 -39.87 -2.58 -9.96
N THR A 679 -38.72 -3.24 -9.99
CA THR A 679 -38.35 -4.15 -8.90
C THR A 679 -38.02 -3.38 -7.61
N PHE A 680 -37.37 -2.23 -7.74
CA PHE A 680 -36.98 -1.45 -6.58
C PHE A 680 -37.96 -0.40 -6.07
N ALA A 681 -38.98 -0.08 -6.86
CA ALA A 681 -39.97 0.90 -6.43
C ALA A 681 -40.60 0.50 -5.08
N PRO A 682 -41.04 -0.76 -4.92
CA PRO A 682 -41.64 -1.23 -3.66
C PRO A 682 -40.64 -1.31 -2.51
N VAL A 683 -39.38 -1.60 -2.83
CA VAL A 683 -38.33 -1.70 -1.83
C VAL A 683 -38.05 -0.30 -1.29
N ALA A 684 -37.88 0.66 -2.19
CA ALA A 684 -37.63 2.03 -1.80
C ALA A 684 -38.81 2.53 -0.97
N GLU A 685 -40.01 2.21 -1.45
CA GLU A 685 -41.23 2.59 -0.79
C GLU A 685 -41.20 2.08 0.66
N ALA A 686 -40.95 0.79 0.82
CA ALA A 686 -40.91 0.16 2.14
C ALA A 686 -39.82 0.73 3.06
N LEU A 687 -38.64 0.97 2.51
CA LEU A 687 -37.53 1.51 3.30
C LEU A 687 -37.83 2.93 3.74
N ASN A 688 -38.57 3.64 2.90
CA ASN A 688 -38.92 5.03 3.17
C ASN A 688 -39.95 5.20 4.27
N THR A 689 -41.03 4.42 4.24
CA THR A 689 -42.04 4.57 5.26
C THR A 689 -41.50 4.11 6.62
N GLY A 690 -40.63 3.09 6.61
CA GLY A 690 -40.08 2.57 7.86
C GLY A 690 -38.73 3.13 8.29
N ALA A 691 -38.19 4.05 7.49
CA ALA A 691 -36.89 4.65 7.78
C ALA A 691 -36.79 5.24 9.18
N ALA A 692 -37.80 6.00 9.57
CA ALA A 692 -37.81 6.61 10.90
C ALA A 692 -37.75 5.53 11.99
N ASP A 693 -38.54 4.48 11.84
CA ASP A 693 -38.54 3.42 12.85
C ASP A 693 -37.27 2.58 12.84
N ILE A 694 -36.76 2.29 11.65
CA ILE A 694 -35.55 1.48 11.54
C ILE A 694 -34.35 2.22 12.10
N ASP A 695 -34.22 3.49 11.74
CA ASP A 695 -33.12 4.32 12.21
C ASP A 695 -33.10 4.44 13.74
N ALA A 696 -34.28 4.56 14.35
CA ALA A 696 -34.40 4.67 15.80
C ALA A 696 -34.01 3.35 16.45
N ALA A 697 -34.50 2.26 15.89
CA ALA A 697 -34.21 0.92 16.38
C ALA A 697 -32.72 0.63 16.33
N LEU A 698 -32.04 1.13 15.28
CA LEU A 698 -30.60 0.92 15.14
C LEU A 698 -29.78 1.75 16.11
N LEU A 699 -30.41 2.72 16.77
CA LEU A 699 -29.71 3.52 17.75
C LEU A 699 -30.02 2.91 19.12
N ALA A 700 -31.22 2.34 19.25
CA ALA A 700 -31.66 1.73 20.49
C ALA A 700 -30.84 0.52 20.90
N VAL A 701 -30.43 -0.30 19.93
CA VAL A 701 -29.65 -1.50 20.23
C VAL A 701 -28.31 -1.18 20.89
N GLN A 702 -27.81 0.04 20.70
CA GLN A 702 -26.53 0.44 21.27
C GLN A 702 -26.63 0.72 22.77
N GLY A 703 -25.49 0.66 23.46
CA GLY A 703 -25.50 0.95 24.89
C GLY A 703 -24.79 0.01 25.85
N GLY A 704 -25.12 -1.27 25.81
CA GLY A 704 -24.51 -2.20 26.74
C GLY A 704 -23.60 -3.27 26.20
N ALA A 705 -23.02 -4.02 27.14
CA ALA A 705 -22.11 -5.12 26.83
C ALA A 705 -22.76 -6.06 25.82
N THR A 706 -21.92 -6.64 24.96
CA THR A 706 -22.37 -7.55 23.92
C THR A 706 -21.46 -8.76 23.92
N ASP A 707 -22.03 -9.94 23.71
CA ASP A 707 -21.25 -11.18 23.67
C ASP A 707 -21.19 -11.78 22.27
N LEU A 708 -20.00 -11.78 21.67
CA LEU A 708 -19.83 -12.30 20.32
C LEU A 708 -19.60 -13.82 20.30
N GLY A 709 -19.44 -14.41 21.48
CA GLY A 709 -19.21 -15.85 21.57
C GLY A 709 -17.82 -16.24 21.14
N GLY A 710 -16.92 -15.27 21.08
CA GLY A 710 -15.56 -15.53 20.67
C GLY A 710 -14.94 -14.25 20.14
N TYR A 711 -13.77 -14.34 19.52
CA TYR A 711 -13.12 -13.15 18.97
C TYR A 711 -12.59 -13.44 17.58
N TYR A 712 -11.67 -14.39 17.49
CA TYR A 712 -11.12 -14.77 16.19
C TYR A 712 -12.06 -15.77 15.53
N SER A 713 -12.84 -16.44 16.37
CA SER A 713 -13.79 -17.43 15.91
C SER A 713 -15.11 -17.15 16.63
N PRO A 714 -15.74 -15.99 16.36
CA PRO A 714 -17.01 -15.65 17.01
C PRO A 714 -18.12 -16.62 16.64
N ASN A 715 -19.19 -16.63 17.43
CA ASN A 715 -20.32 -17.51 17.17
C ASN A 715 -21.22 -16.94 16.08
N GLU A 716 -21.40 -17.74 15.04
CA GLU A 716 -22.23 -17.40 13.88
C GLU A 716 -23.62 -16.85 14.20
N GLU A 717 -24.33 -17.53 15.11
CA GLU A 717 -25.68 -17.11 15.48
C GLU A 717 -25.70 -15.79 16.24
N LYS A 718 -24.75 -15.58 17.14
CA LYS A 718 -24.69 -14.34 17.90
C LYS A 718 -24.33 -13.14 17.00
N LEU A 719 -23.39 -13.35 16.07
CA LEU A 719 -22.97 -12.29 15.14
C LEU A 719 -24.14 -11.82 14.28
N THR A 720 -24.86 -12.79 13.72
CA THR A 720 -26.00 -12.49 12.88
C THR A 720 -27.05 -11.69 13.65
N ASN A 721 -27.36 -12.17 14.85
CA ASN A 721 -28.35 -11.54 15.70
C ASN A 721 -27.94 -10.11 16.07
N ILE A 722 -26.66 -9.92 16.32
CA ILE A 722 -26.12 -8.62 16.70
C ILE A 722 -26.05 -7.65 15.51
N MET A 723 -25.59 -8.14 14.36
CA MET A 723 -25.42 -7.29 13.19
C MET A 723 -26.66 -7.03 12.34
N ARG A 724 -27.69 -7.85 12.51
CA ARG A 724 -28.95 -7.65 11.77
C ARG A 724 -30.08 -7.69 12.80
N PRO A 725 -30.06 -6.77 13.78
CA PRO A 725 -31.07 -6.72 14.83
C PRO A 725 -32.47 -6.18 14.54
N VAL A 726 -32.67 -5.53 13.40
CA VAL A 726 -33.99 -4.97 13.09
C VAL A 726 -34.79 -5.77 12.06
N ALA A 727 -35.74 -6.55 12.55
CA ALA A 727 -36.57 -7.38 11.69
C ALA A 727 -37.26 -6.62 10.57
N GLN A 728 -37.71 -5.40 10.86
CA GLN A 728 -38.40 -4.59 9.86
C GLN A 728 -37.52 -4.37 8.62
N PHE A 729 -36.23 -4.11 8.87
CA PHE A 729 -35.25 -3.89 7.82
C PHE A 729 -34.92 -5.22 7.14
N ASN A 730 -34.56 -6.23 7.93
CA ASN A 730 -34.21 -7.54 7.38
C ASN A 730 -35.28 -8.11 6.47
N GLU A 731 -36.54 -7.92 6.83
CA GLU A 731 -37.63 -8.47 6.03
C GLU A 731 -37.77 -7.78 4.68
N ILE A 732 -37.46 -6.50 4.61
CA ILE A 732 -37.55 -5.81 3.33
C ILE A 732 -36.47 -6.38 2.41
N VAL A 733 -35.28 -6.54 2.97
CA VAL A 733 -34.14 -7.07 2.23
C VAL A 733 -34.35 -8.52 1.77
N ASP A 734 -34.81 -9.38 2.70
CA ASP A 734 -35.04 -10.80 2.39
C ASP A 734 -36.08 -11.01 1.30
N ALA A 735 -37.09 -10.14 1.26
CA ALA A 735 -38.15 -10.22 0.28
C ALA A 735 -37.66 -9.99 -1.15
N LEU A 736 -36.59 -9.21 -1.30
CA LEU A 736 -36.02 -8.90 -2.61
C LEU A 736 -35.58 -10.18 -3.32
#